data_1L0W
#
_entry.id   1L0W
#
_cell.length_a   62.020
_cell.length_b   156.100
_cell.length_c   177.980
_cell.angle_alpha   90.00
_cell.angle_beta   90.00
_cell.angle_gamma   90.00
#
_symmetry.space_group_name_H-M   'P 21 21 21'
#
loop_
_entity.id
_entity.type
_entity.pdbx_description
1 polymer 'Aspartyl-tRNA synthetase'
2 water water
#
_entity_poly.entity_id   1
_entity_poly.type   'polypeptide(L)'
_entity_poly.pdbx_seq_one_letter_code
;MRRTHYAGSLRETHVGEEVVLEGWVNRRRDLGGLIFLDLRDREGLVQLVAHPASPAYATAERVRPEWVVRAKGLVRLRPE
PNPRLATGRVEVELSALEVLAEAKTPPFPVDAGWRGEEEKEASEELRLKYRYLDLRRRRMQENLRLRHRVIKAIWDFLDR
EGFVQVETPFLTKSTPEGARDFLVPYRHEPGLFYALPQSPQLFKQMLMVAGLDRYFQIARCFRDEDLRADRQPDFTQLDL
EMSFVEVEDVLELNERLMAHVFREALGVELPLPFPRLSYEEAMERYGSDKPDLRFGLELKEVGPLFRQSGFRVFQEAESV
KALALPKALSRKEVAELEEVAKRHKAQGLAWARVEEGGFSGGVAKFLEPVREALLQATEARPGDTLLFVAGPRKVAATAL
GAVRLRAADLLGLKREGFRFLWVVDFPLLEWDEEEEAWTYMHHPFTSPHPEDLPLLEKDPGRVRALAYDLVLNGVEVGGG
SIRIHDPRLQARVFRLLGIGEEEQREKFGFFLEALEYGAPPHGGIAWGLDRLLALMTGSPSIREVIAFPKNKEGKDPLTG
APSPVPEEQLRELGLMVVRP
;
_entity_poly.pdbx_strand_id   A,B
#
# COMPACT_ATOMS: atom_id res chain seq x y z
N MET A 1 -23.81 0.48 26.62
CA MET A 1 -22.94 -0.46 25.86
C MET A 1 -21.54 0.10 25.66
N ARG A 2 -21.43 1.19 24.90
CA ARG A 2 -20.16 1.83 24.63
C ARG A 2 -19.25 1.85 25.87
N ARG A 3 -17.98 1.51 25.68
CA ARG A 3 -16.99 1.48 26.74
C ARG A 3 -16.67 2.92 27.11
N THR A 4 -16.18 3.12 28.33
CA THR A 4 -15.80 4.46 28.76
C THR A 4 -14.30 4.63 28.63
N HIS A 5 -13.56 3.54 28.84
CA HIS A 5 -12.10 3.60 28.75
C HIS A 5 -11.55 2.29 28.23
N TYR A 6 -10.30 2.30 27.78
CA TYR A 6 -9.66 1.05 27.37
C TYR A 6 -9.29 0.43 28.71
N ALA A 7 -9.37 -0.89 28.82
CA ALA A 7 -9.04 -1.55 30.08
C ALA A 7 -7.66 -1.20 30.63
N GLY A 8 -6.62 -1.29 29.81
CA GLY A 8 -5.29 -0.98 30.32
C GLY A 8 -4.96 0.48 30.55
N SER A 9 -5.93 1.37 30.37
CA SER A 9 -5.68 2.81 30.54
C SER A 9 -6.02 3.36 31.92
N LEU A 10 -6.68 2.56 32.75
CA LEU A 10 -7.07 2.99 34.09
C LEU A 10 -5.87 3.35 34.96
N ARG A 11 -6.02 4.44 35.69
CA ARG A 11 -4.94 4.92 36.55
C ARG A 11 -5.53 5.43 37.88
N GLU A 12 -4.64 5.75 38.82
CA GLU A 12 -5.05 6.22 40.12
C GLU A 12 -5.96 7.45 40.02
N THR A 13 -5.86 8.15 38.88
CA THR A 13 -6.67 9.33 38.65
C THR A 13 -8.14 9.01 38.34
N HIS A 14 -8.45 7.73 38.10
CA HIS A 14 -9.83 7.36 37.80
C HIS A 14 -10.59 6.83 39.02
N VAL A 15 -9.94 6.84 40.17
CA VAL A 15 -10.58 6.37 41.39
C VAL A 15 -11.88 7.13 41.65
N GLY A 16 -12.95 6.39 41.91
CA GLY A 16 -14.23 7.01 42.17
C GLY A 16 -15.17 7.02 40.99
N GLU A 17 -14.64 6.93 39.78
CA GLU A 17 -15.48 6.95 38.59
C GLU A 17 -16.18 5.63 38.34
N GLU A 18 -17.34 5.70 37.68
CA GLU A 18 -18.11 4.52 37.31
C GLU A 18 -17.63 4.23 35.89
N VAL A 19 -17.18 3.01 35.63
CA VAL A 19 -16.66 2.67 34.31
C VAL A 19 -17.36 1.48 33.64
N VAL A 20 -17.25 1.43 32.31
CA VAL A 20 -17.81 0.34 31.51
C VAL A 20 -16.62 -0.14 30.67
N LEU A 21 -16.24 -1.41 30.85
CA LEU A 21 -15.11 -1.99 30.12
C LEU A 21 -15.52 -3.19 29.27
N GLU A 22 -14.84 -3.39 28.14
CA GLU A 22 -15.11 -4.50 27.24
C GLU A 22 -13.77 -5.14 26.84
N GLY A 23 -13.67 -6.46 26.95
CA GLY A 23 -12.42 -7.11 26.60
C GLY A 23 -12.46 -8.62 26.80
N TRP A 24 -11.29 -9.24 26.89
CA TRP A 24 -11.16 -10.69 27.04
C TRP A 24 -10.71 -11.08 28.45
N VAL A 25 -11.17 -12.22 28.92
CA VAL A 25 -10.75 -12.68 30.24
C VAL A 25 -9.36 -13.32 30.09
N ASN A 26 -8.34 -12.66 30.63
CA ASN A 26 -6.97 -13.17 30.54
C ASN A 26 -6.74 -14.30 31.56
N ARG A 27 -7.35 -14.16 32.73
CA ARG A 27 -7.20 -15.14 33.78
C ARG A 27 -8.26 -14.95 34.87
N ARG A 28 -8.68 -16.04 35.49
CA ARG A 28 -9.63 -15.93 36.58
C ARG A 28 -9.05 -16.65 37.79
N ARG A 29 -9.15 -16.03 38.96
CA ARG A 29 -8.66 -16.62 40.19
C ARG A 29 -9.77 -16.56 41.26
N ASP A 30 -10.06 -17.73 41.83
CA ASP A 30 -11.08 -17.84 42.88
C ASP A 30 -10.32 -17.88 44.21
N LEU A 31 -10.38 -16.79 44.96
CA LEU A 31 -9.68 -16.71 46.24
C LEU A 31 -10.52 -17.08 47.45
N GLY A 32 -11.60 -17.81 47.22
CA GLY A 32 -12.46 -18.22 48.31
C GLY A 32 -13.49 -17.15 48.66
N GLY A 33 -14.66 -17.26 48.04
CA GLY A 33 -15.72 -16.30 48.29
C GLY A 33 -15.37 -14.94 47.73
N LEU A 34 -14.50 -14.94 46.73
CA LEU A 34 -14.06 -13.70 46.12
C LEU A 34 -13.41 -14.08 44.80
N ILE A 35 -13.94 -13.57 43.70
CA ILE A 35 -13.39 -13.87 42.37
C ILE A 35 -12.68 -12.69 41.71
N PHE A 36 -11.44 -12.91 41.29
CA PHE A 36 -10.68 -11.84 40.62
C PHE A 36 -10.57 -12.21 39.13
N LEU A 37 -10.87 -11.25 38.26
CA LEU A 37 -10.75 -11.50 36.83
C LEU A 37 -9.83 -10.46 36.22
N ASP A 38 -8.85 -10.90 35.44
CA ASP A 38 -7.93 -9.96 34.79
C ASP A 38 -8.49 -9.76 33.37
N LEU A 39 -9.02 -8.56 33.11
CA LEU A 39 -9.62 -8.20 31.83
C LEU A 39 -8.55 -7.61 30.92
N ARG A 40 -8.55 -8.02 29.65
CA ARG A 40 -7.54 -7.57 28.71
C ARG A 40 -8.08 -6.94 27.44
N ASP A 41 -7.37 -5.91 26.98
CA ASP A 41 -7.62 -5.29 25.68
C ASP A 41 -6.26 -4.79 25.18
N ARG A 42 -6.23 -4.19 24.00
CA ARG A 42 -4.97 -3.74 23.40
C ARG A 42 -4.07 -2.91 24.33
N GLU A 43 -4.66 -2.13 25.21
CA GLU A 43 -3.84 -1.30 26.09
C GLU A 43 -3.30 -2.00 27.33
N GLY A 44 -3.79 -3.20 27.65
CA GLY A 44 -3.27 -3.90 28.81
C GLY A 44 -4.31 -4.59 29.66
N LEU A 45 -3.92 -4.91 30.89
CA LEU A 45 -4.75 -5.63 31.86
C LEU A 45 -5.28 -4.78 33.02
N VAL A 46 -6.47 -5.15 33.52
CA VAL A 46 -7.06 -4.50 34.69
C VAL A 46 -7.67 -5.59 35.53
N GLN A 47 -7.53 -5.48 36.85
CA GLN A 47 -8.10 -6.46 37.76
C GLN A 47 -9.54 -6.10 38.09
N LEU A 48 -10.46 -7.05 37.92
CA LEU A 48 -11.86 -6.84 38.25
C LEU A 48 -12.10 -7.70 39.48
N VAL A 49 -12.90 -7.19 40.41
CA VAL A 49 -13.20 -7.91 41.64
C VAL A 49 -14.69 -8.10 41.82
N ALA A 50 -15.09 -9.35 41.96
CA ALA A 50 -16.49 -9.70 42.15
C ALA A 50 -16.69 -10.31 43.53
N HIS A 51 -17.60 -9.72 44.31
CA HIS A 51 -17.92 -10.17 45.66
C HIS A 51 -19.27 -10.87 45.62
N PRO A 52 -19.53 -11.77 46.57
CA PRO A 52 -20.80 -12.51 46.62
C PRO A 52 -22.03 -11.59 46.70
N ALA A 53 -21.85 -10.38 47.21
CA ALA A 53 -22.96 -9.43 47.35
C ALA A 53 -23.28 -8.72 46.03
N SER A 54 -22.39 -8.88 45.06
CA SER A 54 -22.57 -8.24 43.75
C SER A 54 -23.43 -9.08 42.82
N PRO A 55 -24.25 -8.40 41.99
CA PRO A 55 -25.11 -9.11 41.04
C PRO A 55 -24.29 -9.77 39.93
N ALA A 56 -23.01 -9.40 39.83
CA ALA A 56 -22.12 -9.96 38.82
C ALA A 56 -21.41 -11.23 39.27
N TYR A 57 -21.52 -11.55 40.56
CA TYR A 57 -20.84 -12.73 41.08
C TYR A 57 -21.21 -14.03 40.38
N ALA A 58 -22.49 -14.22 40.11
CA ALA A 58 -22.94 -15.44 39.47
C ALA A 58 -22.25 -15.65 38.12
N THR A 59 -22.17 -14.59 37.33
CA THR A 59 -21.53 -14.67 36.01
C THR A 59 -20.02 -14.84 36.12
N ALA A 60 -19.40 -14.15 37.06
CA ALA A 60 -17.96 -14.25 37.25
C ALA A 60 -17.55 -15.68 37.59
N GLU A 61 -18.48 -16.41 38.18
CA GLU A 61 -18.23 -17.79 38.58
C GLU A 61 -18.24 -18.77 37.41
N ARG A 62 -18.81 -18.39 36.28
CA ARG A 62 -18.86 -19.31 35.15
C ARG A 62 -17.92 -18.96 33.99
N VAL A 63 -17.27 -17.81 34.09
CA VAL A 63 -16.37 -17.35 33.04
C VAL A 63 -15.03 -18.12 32.95
N ARG A 64 -14.56 -18.30 31.71
CA ARG A 64 -13.31 -19.02 31.43
C ARG A 64 -12.38 -18.10 30.61
N PRO A 65 -11.09 -18.47 30.48
CA PRO A 65 -10.13 -17.67 29.72
C PRO A 65 -10.58 -17.44 28.27
N GLU A 66 -10.27 -16.26 27.75
CA GLU A 66 -10.60 -15.84 26.38
C GLU A 66 -12.06 -15.54 26.05
N TRP A 67 -12.94 -15.64 27.05
CA TRP A 67 -14.34 -15.29 26.83
C TRP A 67 -14.35 -13.77 26.70
N VAL A 68 -15.26 -13.22 25.90
CA VAL A 68 -15.37 -11.77 25.71
C VAL A 68 -16.53 -11.29 26.59
N VAL A 69 -16.27 -10.29 27.42
CA VAL A 69 -17.30 -9.78 28.32
C VAL A 69 -17.37 -8.25 28.37
N ARG A 70 -18.44 -7.76 28.98
CA ARG A 70 -18.64 -6.34 29.19
C ARG A 70 -18.80 -6.20 30.70
N ALA A 71 -18.00 -5.33 31.31
CA ALA A 71 -18.07 -5.18 32.75
C ALA A 71 -18.38 -3.74 33.14
N LYS A 72 -19.13 -3.58 34.23
CA LYS A 72 -19.47 -2.27 34.76
C LYS A 72 -19.13 -2.26 36.24
N GLY A 73 -18.47 -1.22 36.71
CA GLY A 73 -18.10 -1.17 38.12
C GLY A 73 -17.51 0.15 38.54
N LEU A 74 -17.08 0.21 39.80
CA LEU A 74 -16.49 1.41 40.37
C LEU A 74 -14.99 1.20 40.53
N VAL A 75 -14.19 2.19 40.13
CA VAL A 75 -12.75 2.08 40.27
C VAL A 75 -12.39 2.46 41.70
N ARG A 76 -11.52 1.66 42.31
CA ARG A 76 -11.08 1.94 43.68
C ARG A 76 -9.60 1.58 43.83
N LEU A 77 -8.93 2.20 44.78
CA LEU A 77 -7.52 1.92 45.02
C LEU A 77 -7.34 0.50 45.53
N ARG A 78 -6.23 -0.12 45.13
CA ARG A 78 -5.93 -1.48 45.51
C ARG A 78 -5.30 -1.49 46.91
N PRO A 79 -5.69 -2.45 47.75
CA PRO A 79 -5.14 -2.53 49.10
C PRO A 79 -3.63 -2.78 49.01
N GLU A 80 -3.22 -3.40 47.90
CA GLU A 80 -1.82 -3.73 47.64
C GLU A 80 -1.51 -3.52 46.15
N PRO A 81 -0.63 -2.56 45.83
CA PRO A 81 -0.24 -2.25 44.45
C PRO A 81 0.62 -3.33 43.79
N ASN A 82 0.41 -3.52 42.48
CA ASN A 82 1.18 -4.49 41.71
C ASN A 82 2.13 -3.71 40.82
N PRO A 83 3.40 -3.59 41.25
CA PRO A 83 4.49 -2.87 40.57
C PRO A 83 5.05 -3.50 39.30
N ARG A 84 4.23 -3.60 38.26
CA ARG A 84 4.68 -4.15 36.98
C ARG A 84 3.52 -4.15 36.01
N LEU A 85 2.42 -3.53 36.44
CA LEU A 85 1.23 -3.39 35.63
C LEU A 85 0.92 -1.90 35.69
N ALA A 86 0.71 -1.28 34.54
CA ALA A 86 0.41 0.15 34.50
C ALA A 86 -0.82 0.50 35.33
N THR A 87 -1.75 -0.46 35.47
CA THR A 87 -2.97 -0.20 36.25
C THR A 87 -2.86 -0.80 37.65
N GLY A 88 -1.66 -1.24 37.99
CA GLY A 88 -1.42 -1.88 39.27
C GLY A 88 -1.92 -1.27 40.57
N ARG A 89 -2.15 0.04 40.59
CA ARG A 89 -2.61 0.71 41.80
C ARG A 89 -4.12 0.66 41.99
N VAL A 90 -4.87 0.28 40.96
CA VAL A 90 -6.32 0.22 41.09
C VAL A 90 -6.92 -1.13 40.71
N GLU A 91 -8.23 -1.23 40.90
CA GLU A 91 -9.00 -2.42 40.58
C GLU A 91 -10.44 -1.96 40.39
N VAL A 92 -11.28 -2.81 39.80
CA VAL A 92 -12.66 -2.42 39.57
C VAL A 92 -13.66 -3.30 40.31
N GLU A 93 -14.43 -2.68 41.20
CA GLU A 93 -15.43 -3.44 41.95
C GLU A 93 -16.61 -3.60 41.03
N LEU A 94 -16.92 -4.84 40.66
CA LEU A 94 -18.01 -5.10 39.73
C LEU A 94 -19.44 -4.94 40.23
N SER A 95 -20.25 -4.30 39.40
CA SER A 95 -21.67 -4.13 39.71
C SER A 95 -22.44 -4.95 38.69
N ALA A 96 -21.82 -5.19 37.53
CA ALA A 96 -22.46 -5.98 36.46
C ALA A 96 -21.42 -6.66 35.55
N LEU A 97 -21.77 -7.79 34.96
CA LEU A 97 -20.85 -8.51 34.08
C LEU A 97 -21.69 -9.31 33.12
N GLU A 98 -21.45 -9.13 31.82
CA GLU A 98 -22.22 -9.82 30.80
C GLU A 98 -21.30 -10.51 29.78
N VAL A 99 -21.67 -11.73 29.37
CA VAL A 99 -20.88 -12.49 28.41
C VAL A 99 -21.32 -12.19 26.98
N LEU A 100 -20.40 -11.69 26.17
CA LEU A 100 -20.72 -11.36 24.78
C LEU A 100 -20.37 -12.53 23.87
N ALA A 101 -19.39 -13.34 24.26
CA ALA A 101 -19.02 -14.50 23.46
C ALA A 101 -18.19 -15.48 24.28
N GLU A 102 -18.49 -16.77 24.12
CA GLU A 102 -17.75 -17.78 24.83
C GLU A 102 -16.57 -18.18 23.93
N ALA A 103 -15.61 -18.94 24.46
CA ALA A 103 -14.49 -19.35 23.66
C ALA A 103 -14.01 -20.71 24.09
N LYS A 104 -13.63 -21.55 23.14
CA LYS A 104 -13.10 -22.84 23.53
C LYS A 104 -11.63 -22.66 23.91
N THR A 105 -11.02 -23.72 24.44
CA THR A 105 -9.62 -23.68 24.87
C THR A 105 -8.65 -23.46 23.71
N PRO A 106 -7.79 -22.44 23.81
CA PRO A 106 -6.81 -22.14 22.76
C PRO A 106 -5.74 -23.24 22.70
N PRO A 107 -5.18 -23.52 21.51
CA PRO A 107 -4.15 -24.56 21.33
C PRO A 107 -2.82 -24.26 22.06
N PHE A 108 -2.62 -23.00 22.41
CA PHE A 108 -1.42 -22.53 23.15
C PHE A 108 -1.82 -21.27 23.94
N PRO A 109 -1.13 -20.99 25.05
CA PRO A 109 -1.43 -19.81 25.89
C PRO A 109 -1.02 -18.45 25.33
N VAL A 110 -1.88 -17.45 25.58
CA VAL A 110 -1.59 -16.11 25.10
C VAL A 110 -1.65 -15.11 26.25
N ASP A 111 -1.73 -15.60 27.49
CA ASP A 111 -1.88 -14.71 28.64
C ASP A 111 -0.65 -14.18 29.38
N ALA A 112 0.43 -14.95 29.37
CA ALA A 112 1.66 -14.61 30.06
C ALA A 112 2.32 -13.28 29.70
N GLY A 113 2.45 -13.01 28.40
CA GLY A 113 3.09 -11.78 27.97
C GLY A 113 2.47 -10.51 28.55
N TRP A 114 1.16 -10.53 28.68
CA TRP A 114 0.43 -9.38 29.21
C TRP A 114 0.73 -9.11 30.68
N ARG A 115 1.27 -10.11 31.38
CA ARG A 115 1.63 -9.97 32.78
C ARG A 115 3.12 -9.61 32.92
N GLY A 116 3.85 -9.64 31.81
CA GLY A 116 5.27 -9.35 31.86
C GLY A 116 6.07 -10.61 32.08
N GLU A 117 5.38 -11.75 32.13
CA GLU A 117 6.04 -13.03 32.34
C GLU A 117 6.70 -13.54 31.06
N GLU A 118 7.68 -14.43 31.22
CA GLU A 118 8.36 -15.00 30.07
C GLU A 118 7.34 -15.88 29.34
N GLU A 119 7.28 -15.73 28.02
CA GLU A 119 6.32 -16.49 27.25
C GLU A 119 6.89 -17.71 26.54
N LYS A 120 6.17 -18.82 26.66
CA LYS A 120 6.56 -20.07 26.03
C LYS A 120 5.93 -20.17 24.65
N GLU A 121 6.75 -20.03 23.61
CA GLU A 121 6.25 -20.10 22.24
C GLU A 121 6.04 -21.53 21.76
N ALA A 122 4.98 -21.72 20.98
CA ALA A 122 4.67 -23.03 20.41
C ALA A 122 5.33 -23.12 19.04
N SER A 123 5.29 -24.30 18.43
CA SER A 123 5.89 -24.48 17.12
C SER A 123 5.34 -23.44 16.18
N GLU A 124 6.16 -23.09 15.20
CA GLU A 124 5.83 -22.10 14.20
C GLU A 124 4.66 -22.52 13.34
N GLU A 125 4.54 -23.82 13.07
CA GLU A 125 3.45 -24.31 12.25
C GLU A 125 2.11 -24.14 12.96
N LEU A 126 2.11 -24.27 14.28
CA LEU A 126 0.89 -24.08 15.07
C LEU A 126 0.55 -22.58 15.12
N ARG A 127 1.56 -21.77 15.37
CA ARG A 127 1.34 -20.32 15.45
C ARG A 127 0.73 -19.82 14.14
N LEU A 128 1.24 -20.32 13.01
CA LEU A 128 0.76 -19.90 11.70
C LEU A 128 -0.65 -20.43 11.40
N LYS A 129 -0.90 -21.69 11.72
CA LYS A 129 -2.21 -22.27 11.51
C LYS A 129 -3.27 -21.50 12.29
N TYR A 130 -2.92 -21.04 13.51
CA TYR A 130 -3.86 -20.27 14.32
C TYR A 130 -3.31 -18.85 14.53
N ARG A 131 -2.94 -18.21 13.43
CA ARG A 131 -2.33 -16.89 13.52
C ARG A 131 -3.15 -15.83 14.23
N TYR A 132 -4.49 -15.93 14.19
CA TYR A 132 -5.36 -14.94 14.85
C TYR A 132 -5.33 -15.06 16.37
N LEU A 133 -4.80 -16.17 16.87
CA LEU A 133 -4.66 -16.36 18.31
C LEU A 133 -3.24 -15.95 18.67
N ASP A 134 -2.30 -16.20 17.76
CA ASP A 134 -0.90 -15.83 18.02
C ASP A 134 -0.82 -14.29 18.11
N LEU A 135 -1.60 -13.61 17.28
CA LEU A 135 -1.62 -12.16 17.25
C LEU A 135 -2.26 -11.49 18.51
N ARG A 136 -2.80 -12.30 19.43
CA ARG A 136 -3.35 -11.78 20.70
C ARG A 136 -2.23 -11.56 21.72
N ARG A 137 -1.05 -12.12 21.45
CA ARG A 137 0.07 -11.99 22.37
C ARG A 137 0.68 -10.59 22.35
N ARG A 138 1.03 -10.11 23.54
CA ARG A 138 1.59 -8.78 23.67
C ARG A 138 2.73 -8.45 22.71
N ARG A 139 3.70 -9.36 22.58
CA ARG A 139 4.84 -9.10 21.70
C ARG A 139 4.46 -8.98 20.23
N MET A 140 3.50 -9.77 19.78
CA MET A 140 3.09 -9.68 18.39
C MET A 140 2.36 -8.36 18.15
N GLN A 141 1.53 -7.92 19.09
CA GLN A 141 0.83 -6.64 18.89
C GLN A 141 1.81 -5.47 18.94
N GLU A 142 2.82 -5.56 19.79
CA GLU A 142 3.83 -4.51 19.87
C GLU A 142 4.53 -4.39 18.51
N ASN A 143 4.84 -5.54 17.90
CA ASN A 143 5.51 -5.54 16.59
C ASN A 143 4.64 -4.83 15.53
N LEU A 144 3.36 -5.21 15.47
CA LEU A 144 2.47 -4.61 14.48
C LEU A 144 2.23 -3.12 14.71
N ARG A 145 2.16 -2.71 15.97
CA ARG A 145 1.95 -1.29 16.25
C ARG A 145 3.20 -0.50 15.91
N LEU A 146 4.36 -1.12 16.09
CA LEU A 146 5.63 -0.46 15.77
C LEU A 146 5.72 -0.30 14.25
N ARG A 147 5.25 -1.28 13.51
CA ARG A 147 5.28 -1.22 12.04
C ARG A 147 4.40 -0.05 11.57
N HIS A 148 3.24 0.14 12.22
CA HIS A 148 2.34 1.24 11.91
C HIS A 148 3.04 2.59 12.12
N ARG A 149 3.66 2.74 13.30
CA ARG A 149 4.39 3.96 13.68
C ARG A 149 5.53 4.29 12.72
N VAL A 150 6.28 3.28 12.31
CA VAL A 150 7.38 3.51 11.37
C VAL A 150 6.86 4.03 10.02
N ILE A 151 5.81 3.41 9.49
CA ILE A 151 5.26 3.80 8.19
C ILE A 151 4.62 5.20 8.28
N LYS A 152 3.95 5.50 9.40
CA LYS A 152 3.37 6.83 9.57
C LYS A 152 4.53 7.87 9.64
N ALA A 153 5.61 7.54 10.35
CA ALA A 153 6.76 8.46 10.46
C ALA A 153 7.36 8.78 9.09
N ILE A 154 7.43 7.76 8.23
CA ILE A 154 7.94 7.90 6.87
C ILE A 154 7.01 8.82 6.08
N TRP A 155 5.70 8.61 6.17
CA TRP A 155 4.78 9.51 5.46
C TRP A 155 4.97 10.96 5.94
N ASP A 156 5.03 11.18 7.26
CA ASP A 156 5.17 12.57 7.76
C ASP A 156 6.40 13.30 7.21
N PHE A 157 7.56 12.65 7.33
CA PHE A 157 8.84 13.21 6.89
C PHE A 157 8.88 13.46 5.38
N LEU A 158 8.59 12.43 4.58
CA LEU A 158 8.64 12.60 3.13
C LEU A 158 7.61 13.61 2.62
N ASP A 159 6.42 13.64 3.21
CA ASP A 159 5.42 14.62 2.78
C ASP A 159 5.96 16.04 3.03
N ARG A 160 6.62 16.20 4.16
CA ARG A 160 7.19 17.48 4.56
C ARG A 160 8.32 17.89 3.60
N GLU A 161 9.07 16.91 3.09
CA GLU A 161 10.16 17.20 2.17
C GLU A 161 9.70 17.31 0.71
N GLY A 162 8.39 17.32 0.48
CA GLY A 162 7.90 17.46 -0.89
C GLY A 162 7.75 16.26 -1.78
N PHE A 163 7.82 15.06 -1.22
CA PHE A 163 7.67 13.85 -2.00
C PHE A 163 6.19 13.56 -2.25
N VAL A 164 5.91 12.99 -3.41
CA VAL A 164 4.55 12.63 -3.78
C VAL A 164 4.46 11.10 -3.79
N GLN A 165 3.53 10.55 -3.01
CA GLN A 165 3.36 9.10 -2.98
C GLN A 165 2.64 8.71 -4.28
N VAL A 166 3.17 7.74 -5.01
CA VAL A 166 2.47 7.30 -6.23
C VAL A 166 2.31 5.76 -6.21
N GLU A 167 1.09 5.26 -6.42
CA GLU A 167 0.82 3.82 -6.46
C GLU A 167 1.09 3.29 -7.85
N THR A 168 1.90 2.22 -7.90
CA THR A 168 2.40 1.54 -9.12
C THR A 168 1.60 0.26 -9.49
N PRO A 169 1.59 -0.15 -10.78
CA PRO A 169 0.83 -1.35 -11.16
C PRO A 169 1.26 -2.70 -10.57
N PHE A 170 0.28 -3.57 -10.33
CA PHE A 170 0.59 -4.90 -9.80
C PHE A 170 0.56 -5.92 -10.93
N LEU A 171 -0.16 -5.62 -12.01
CA LEU A 171 -0.20 -6.52 -13.15
C LEU A 171 0.63 -5.89 -14.23
N THR A 172 1.84 -6.40 -14.43
CA THR A 172 2.77 -5.87 -15.43
C THR A 172 3.32 -6.90 -16.41
N LYS A 173 4.37 -6.53 -17.12
CA LYS A 173 4.96 -7.41 -18.11
C LYS A 173 6.06 -8.30 -17.55
N SER A 174 6.07 -9.55 -17.97
CA SER A 174 7.09 -10.50 -17.55
C SER A 174 8.39 -10.23 -18.30
N THR A 175 9.52 -10.47 -17.64
CA THR A 175 10.84 -10.25 -18.26
C THR A 175 11.64 -11.54 -18.28
N PRO A 176 12.24 -11.87 -19.44
CA PRO A 176 13.06 -13.07 -19.64
C PRO A 176 14.19 -13.30 -18.63
N GLU A 177 14.74 -12.22 -18.08
CA GLU A 177 15.83 -12.38 -17.10
C GLU A 177 15.80 -11.47 -15.88
N GLY A 178 16.35 -12.01 -14.80
CA GLY A 178 16.42 -11.33 -13.51
C GLY A 178 16.14 -12.44 -12.53
N ALA A 179 14.98 -12.38 -11.88
CA ALA A 179 14.60 -13.43 -10.96
C ALA A 179 13.36 -14.03 -11.59
N ARG A 180 12.89 -15.17 -11.10
CA ARG A 180 11.71 -15.75 -11.71
C ARG A 180 10.46 -14.97 -11.33
N ASP A 181 9.58 -14.73 -12.30
CA ASP A 181 8.35 -13.99 -12.05
C ASP A 181 7.19 -14.90 -11.66
N PHE A 182 6.26 -14.36 -10.89
CA PHE A 182 5.03 -15.08 -10.54
C PHE A 182 4.15 -14.63 -11.71
N LEU A 183 3.42 -15.55 -12.33
CA LEU A 183 2.59 -15.19 -13.46
C LEU A 183 1.10 -15.23 -13.15
N VAL A 184 0.34 -14.49 -13.95
CA VAL A 184 -1.10 -14.42 -13.81
C VAL A 184 -1.72 -14.57 -15.20
N PRO A 185 -2.48 -15.66 -15.43
CA PRO A 185 -3.12 -15.93 -16.72
C PRO A 185 -4.09 -14.87 -17.19
N TYR A 186 -4.04 -14.54 -18.48
CA TYR A 186 -4.94 -13.57 -19.07
C TYR A 186 -6.06 -14.37 -19.75
N ARG A 187 -7.21 -14.39 -19.09
CA ARG A 187 -8.39 -15.13 -19.53
C ARG A 187 -8.82 -14.99 -20.99
N HIS A 188 -8.93 -13.75 -21.45
CA HIS A 188 -9.38 -13.48 -22.80
C HIS A 188 -8.50 -13.95 -23.96
N GLU A 189 -7.29 -14.41 -23.65
CA GLU A 189 -6.38 -14.89 -24.70
C GLU A 189 -5.32 -15.83 -24.14
N PRO A 190 -5.47 -17.14 -24.41
CA PRO A 190 -4.53 -18.17 -23.95
C PRO A 190 -3.11 -17.89 -24.40
N GLY A 191 -2.14 -18.19 -23.54
CA GLY A 191 -0.76 -17.94 -23.90
C GLY A 191 -0.30 -16.57 -23.46
N LEU A 192 -1.26 -15.71 -23.07
CA LEU A 192 -0.93 -14.37 -22.59
C LEU A 192 -1.00 -14.35 -21.07
N PHE A 193 0.01 -13.74 -20.45
CA PHE A 193 0.11 -13.68 -19.00
C PHE A 193 0.57 -12.29 -18.53
N TYR A 194 0.17 -11.93 -17.31
CA TYR A 194 0.63 -10.70 -16.67
C TYR A 194 1.70 -11.28 -15.73
N ALA A 195 2.55 -10.42 -15.21
CA ALA A 195 3.55 -10.84 -14.24
C ALA A 195 3.42 -9.88 -13.04
N LEU A 196 3.58 -10.41 -11.83
CA LEU A 196 3.52 -9.59 -10.62
C LEU A 196 4.88 -8.88 -10.62
N PRO A 197 4.95 -7.65 -10.09
CA PRO A 197 6.22 -6.89 -10.06
C PRO A 197 7.33 -7.32 -9.12
N GLN A 198 8.56 -7.39 -9.62
CA GLN A 198 9.69 -7.76 -8.76
C GLN A 198 10.16 -6.50 -8.05
N SER A 199 9.86 -5.36 -8.68
CA SER A 199 10.19 -4.05 -8.14
C SER A 199 9.55 -3.00 -9.04
N PRO A 200 9.27 -1.79 -8.51
CA PRO A 200 8.64 -0.70 -9.28
C PRO A 200 9.67 0.11 -10.06
N GLN A 201 10.88 -0.42 -10.13
CA GLN A 201 11.99 0.24 -10.80
C GLN A 201 11.69 1.07 -12.05
N LEU A 202 11.21 0.42 -13.10
CA LEU A 202 10.93 1.14 -14.35
C LEU A 202 9.83 2.21 -14.22
N PHE A 203 8.85 1.95 -13.38
CA PHE A 203 7.80 2.92 -13.18
C PHE A 203 8.29 4.17 -12.43
N LYS A 204 9.11 4.03 -11.39
CA LYS A 204 9.55 5.23 -10.69
C LYS A 204 10.50 6.06 -11.58
N GLN A 205 11.28 5.40 -12.45
CA GLN A 205 12.14 6.15 -13.36
C GLN A 205 11.25 6.89 -14.38
N MET A 206 10.18 6.26 -14.86
CA MET A 206 9.30 6.97 -15.82
C MET A 206 8.59 8.15 -15.14
N LEU A 207 8.41 8.07 -13.82
CA LEU A 207 7.76 9.13 -13.05
C LEU A 207 8.72 10.33 -12.96
N MET A 208 10.03 10.08 -13.07
CA MET A 208 11.03 11.16 -13.09
C MET A 208 10.97 11.78 -14.49
N VAL A 209 10.89 10.92 -15.52
CA VAL A 209 10.80 11.44 -16.88
C VAL A 209 9.53 12.31 -17.00
N ALA A 210 8.48 11.96 -16.24
CA ALA A 210 7.20 12.67 -16.26
C ALA A 210 7.27 14.02 -15.55
N GLY A 211 8.37 14.26 -14.83
CA GLY A 211 8.50 15.55 -14.17
C GLY A 211 8.03 15.64 -12.73
N LEU A 212 7.77 14.49 -12.11
CA LEU A 212 7.37 14.47 -10.72
C LEU A 212 8.74 14.45 -10.03
N ASP A 213 9.20 15.59 -9.60
CA ASP A 213 10.49 15.75 -8.95
C ASP A 213 10.96 14.69 -7.94
N ARG A 214 10.07 14.23 -7.08
CA ARG A 214 10.41 13.25 -6.05
C ARG A 214 9.19 12.41 -5.71
N TYR A 215 9.41 11.11 -5.62
CA TYR A 215 8.37 10.11 -5.37
C TYR A 215 8.76 9.08 -4.35
N PHE A 216 7.76 8.46 -3.74
CA PHE A 216 7.97 7.35 -2.81
C PHE A 216 6.72 6.48 -2.80
N GLN A 217 6.88 5.28 -2.28
CA GLN A 217 5.78 4.33 -2.19
C GLN A 217 6.21 3.23 -1.26
N ILE A 218 5.29 2.72 -0.44
CA ILE A 218 5.59 1.57 0.42
C ILE A 218 5.09 0.52 -0.58
N ALA A 219 6.00 -0.14 -1.30
CA ALA A 219 5.62 -1.11 -2.34
C ALA A 219 5.74 -2.60 -2.01
N ARG A 220 4.80 -3.41 -2.52
CA ARG A 220 4.86 -4.85 -2.29
C ARG A 220 5.56 -5.43 -3.54
N CYS A 221 6.58 -6.26 -3.32
CA CYS A 221 7.36 -6.87 -4.40
C CYS A 221 7.19 -8.39 -4.35
N PHE A 222 7.28 -9.02 -5.52
CA PHE A 222 7.09 -10.47 -5.64
C PHE A 222 8.20 -11.15 -6.41
N ARG A 223 8.80 -12.18 -5.82
CA ARG A 223 9.88 -12.91 -6.46
C ARG A 223 9.73 -14.41 -6.20
N ASP A 224 9.59 -15.20 -7.27
CA ASP A 224 9.43 -16.64 -7.13
C ASP A 224 10.80 -17.28 -7.07
N GLU A 225 11.43 -17.17 -5.90
CA GLU A 225 12.77 -17.71 -5.72
C GLU A 225 12.77 -18.96 -4.85
N ASP A 226 13.80 -19.78 -5.00
CA ASP A 226 13.95 -21.01 -4.22
C ASP A 226 14.52 -20.58 -2.87
N LEU A 227 13.80 -19.68 -2.22
CA LEU A 227 14.21 -19.11 -0.94
C LEU A 227 13.81 -19.88 0.31
N ARG A 228 14.78 -20.08 1.19
CA ARG A 228 14.59 -20.76 2.47
C ARG A 228 15.35 -19.92 3.50
N ALA A 229 16.22 -19.05 2.98
CA ALA A 229 17.04 -18.17 3.80
C ALA A 229 16.19 -17.06 4.44
N ASP A 230 15.09 -17.46 5.07
CA ASP A 230 14.18 -16.54 5.72
C ASP A 230 13.69 -15.46 4.77
N ARG A 231 13.08 -15.87 3.66
CA ARG A 231 12.55 -14.94 2.70
C ARG A 231 11.11 -15.34 2.37
N GLN A 232 10.28 -14.36 2.05
CA GLN A 232 8.89 -14.60 1.73
C GLN A 232 8.66 -14.49 0.22
N PRO A 233 7.59 -15.10 -0.30
CA PRO A 233 7.32 -15.00 -1.75
C PRO A 233 7.10 -13.52 -2.16
N ASP A 234 6.53 -12.73 -1.25
CA ASP A 234 6.33 -11.30 -1.51
C ASP A 234 6.79 -10.52 -0.27
N PHE A 235 7.36 -9.35 -0.48
CA PHE A 235 7.87 -8.55 0.64
C PHE A 235 7.63 -7.06 0.40
N THR A 236 7.86 -6.25 1.43
CA THR A 236 7.60 -4.80 1.33
C THR A 236 8.86 -3.95 1.32
N GLN A 237 8.87 -2.93 0.47
CA GLN A 237 10.01 -2.03 0.40
C GLN A 237 9.57 -0.59 0.44
N LEU A 238 10.43 0.26 1.01
CA LEU A 238 10.18 1.70 0.96
C LEU A 238 10.92 2.00 -0.34
N ASP A 239 10.20 2.52 -1.33
CA ASP A 239 10.79 2.79 -2.63
C ASP A 239 10.82 4.31 -2.79
N LEU A 240 11.96 4.86 -3.24
CA LEU A 240 12.10 6.30 -3.38
C LEU A 240 12.95 6.69 -4.59
N GLU A 241 12.58 7.78 -5.27
CA GLU A 241 13.34 8.24 -6.43
C GLU A 241 13.31 9.78 -6.43
N MET A 242 14.42 10.40 -6.82
CA MET A 242 14.51 11.87 -6.85
C MET A 242 15.21 12.32 -8.12
N SER A 243 14.91 13.55 -8.57
CA SER A 243 15.53 14.14 -9.77
C SER A 243 16.56 15.24 -9.47
N PHE A 244 17.51 15.43 -10.40
CA PHE A 244 18.55 16.47 -10.29
C PHE A 244 19.41 16.34 -9.04
N VAL A 245 19.76 15.10 -8.70
CA VAL A 245 20.55 14.84 -7.51
C VAL A 245 21.88 14.17 -7.82
N GLU A 246 22.80 14.30 -6.86
CA GLU A 246 24.09 13.64 -6.93
C GLU A 246 24.03 12.62 -5.78
N VAL A 247 24.97 11.68 -5.74
CA VAL A 247 24.99 10.67 -4.68
C VAL A 247 24.77 11.26 -3.30
N GLU A 248 25.52 12.31 -2.97
CA GLU A 248 25.41 12.94 -1.66
C GLU A 248 24.01 13.46 -1.29
N ASP A 249 23.22 13.92 -2.26
CA ASP A 249 21.88 14.40 -1.93
C ASP A 249 21.01 13.22 -1.46
N VAL A 250 21.19 12.06 -2.08
CA VAL A 250 20.40 10.89 -1.72
C VAL A 250 20.79 10.37 -0.33
N LEU A 251 22.09 10.26 -0.07
CA LEU A 251 22.57 9.80 1.22
C LEU A 251 22.10 10.68 2.37
N GLU A 252 22.24 11.99 2.18
CA GLU A 252 21.83 12.92 3.23
C GLU A 252 20.33 12.86 3.53
N LEU A 253 19.52 12.80 2.48
CA LEU A 253 18.07 12.72 2.69
C LEU A 253 17.70 11.46 3.48
N ASN A 254 18.30 10.33 3.10
CA ASN A 254 18.04 9.06 3.76
C ASN A 254 18.52 9.01 5.21
N GLU A 255 19.64 9.67 5.51
CA GLU A 255 20.12 9.69 6.88
C GLU A 255 19.14 10.44 7.77
N ARG A 256 18.64 11.56 7.28
CA ARG A 256 17.68 12.34 8.07
C ARG A 256 16.34 11.59 8.18
N LEU A 257 15.96 10.84 7.16
CA LEU A 257 14.71 10.09 7.19
C LEU A 257 14.87 9.00 8.26
N MET A 258 15.97 8.26 8.19
CA MET A 258 16.20 7.19 9.16
C MET A 258 16.28 7.68 10.61
N ALA A 259 16.94 8.81 10.84
CA ALA A 259 17.05 9.36 12.19
C ALA A 259 15.65 9.74 12.66
N HIS A 260 14.81 10.25 11.75
CA HIS A 260 13.43 10.63 12.10
C HIS A 260 12.62 9.38 12.51
N VAL A 261 12.70 8.32 11.71
CA VAL A 261 12.00 7.08 12.01
C VAL A 261 12.43 6.55 13.39
N PHE A 262 13.74 6.40 13.61
CA PHE A 262 14.21 5.88 14.91
C PHE A 262 13.82 6.72 16.12
N ARG A 263 13.78 8.03 15.95
CA ARG A 263 13.41 8.93 17.04
C ARG A 263 11.91 8.80 17.34
N GLU A 264 11.08 8.79 16.31
CA GLU A 264 9.63 8.68 16.49
C GLU A 264 9.16 7.31 16.93
N ALA A 265 9.74 6.27 16.34
CA ALA A 265 9.34 4.90 16.64
C ALA A 265 9.91 4.26 17.89
N LEU A 266 11.21 4.43 18.13
CA LEU A 266 11.86 3.83 19.29
C LEU A 266 12.34 4.83 20.32
N GLY A 267 12.34 6.10 19.93
CA GLY A 267 12.80 7.12 20.85
C GLY A 267 14.32 7.03 20.98
N VAL A 268 14.98 6.59 19.91
CA VAL A 268 16.43 6.47 19.86
C VAL A 268 17.05 7.56 18.98
N GLU A 269 18.13 8.17 19.46
CA GLU A 269 18.79 9.22 18.72
C GLU A 269 20.01 8.67 18.01
N LEU A 270 20.00 8.73 16.68
CA LEU A 270 21.11 8.23 15.89
C LEU A 270 22.10 9.34 15.57
N PRO A 271 23.41 9.05 15.68
CA PRO A 271 24.36 10.10 15.36
C PRO A 271 24.56 10.24 13.86
N LEU A 272 24.51 11.48 13.36
CA LEU A 272 24.70 11.75 11.95
C LEU A 272 25.97 12.57 11.74
N PRO A 273 26.64 12.42 10.59
CA PRO A 273 26.25 11.52 9.49
C PRO A 273 26.66 10.09 9.76
N PHE A 274 26.27 9.18 8.87
CA PHE A 274 26.65 7.78 9.02
C PHE A 274 28.04 7.61 8.39
N PRO A 275 28.85 6.68 8.92
CA PRO A 275 30.17 6.51 8.33
C PRO A 275 30.00 6.00 6.91
N ARG A 276 30.92 6.38 6.03
CA ARG A 276 30.90 5.99 4.62
C ARG A 276 32.20 5.26 4.30
N LEU A 277 32.11 4.04 3.79
CA LEU A 277 33.31 3.27 3.46
C LEU A 277 33.25 2.84 2.01
N SER A 278 34.37 2.88 1.30
CA SER A 278 34.36 2.43 -0.09
C SER A 278 34.39 0.91 -0.07
N TYR A 279 33.94 0.29 -1.14
CA TYR A 279 33.93 -1.16 -1.25
C TYR A 279 35.30 -1.74 -0.91
N GLU A 280 36.36 -1.14 -1.45
CA GLU A 280 37.71 -1.62 -1.19
C GLU A 280 38.08 -1.47 0.28
N GLU A 281 37.85 -0.29 0.85
CA GLU A 281 38.14 -0.01 2.26
C GLU A 281 37.42 -1.00 3.20
N ALA A 282 36.19 -1.35 2.85
CA ALA A 282 35.39 -2.26 3.66
C ALA A 282 35.91 -3.68 3.58
N MET A 283 36.34 -4.08 2.40
CA MET A 283 36.85 -5.43 2.20
C MET A 283 38.21 -5.60 2.91
N GLU A 284 39.04 -4.56 2.87
CA GLU A 284 40.36 -4.63 3.49
C GLU A 284 40.33 -4.56 5.01
N ARG A 285 39.43 -3.72 5.54
CA ARG A 285 39.34 -3.55 6.98
C ARG A 285 38.50 -4.58 7.69
N TYR A 286 37.44 -5.07 7.04
CA TYR A 286 36.55 -6.05 7.68
C TYR A 286 36.29 -7.32 6.89
N GLY A 287 36.81 -7.40 5.68
CA GLY A 287 36.60 -8.58 4.87
C GLY A 287 35.16 -8.79 4.44
N SER A 288 34.40 -7.72 4.34
CA SER A 288 33.00 -7.86 3.95
C SER A 288 32.42 -6.57 3.39
N ASP A 289 31.47 -6.70 2.46
CA ASP A 289 30.83 -5.52 1.88
C ASP A 289 29.62 -5.11 2.71
N LYS A 290 29.40 -5.81 3.82
CA LYS A 290 28.31 -5.48 4.75
C LYS A 290 28.84 -5.62 6.16
N PRO A 291 29.87 -4.82 6.49
CA PRO A 291 30.53 -4.83 7.80
C PRO A 291 29.65 -4.53 9.00
N ASP A 292 29.88 -5.30 10.07
CA ASP A 292 29.19 -5.13 11.35
C ASP A 292 30.18 -4.29 12.17
N LEU A 293 29.80 -3.06 12.52
CA LEU A 293 30.68 -2.16 13.26
C LEU A 293 30.42 -2.07 14.77
N ARG A 294 29.66 -3.02 15.31
CA ARG A 294 29.35 -3.03 16.73
C ARG A 294 30.59 -3.47 17.55
N PHE A 295 31.66 -3.88 16.88
CA PHE A 295 32.91 -4.27 17.54
C PHE A 295 34.09 -4.05 16.60
N GLY A 296 35.32 -4.15 17.13
CA GLY A 296 36.50 -3.91 16.32
C GLY A 296 37.07 -5.08 15.52
N LEU A 297 38.13 -5.70 16.05
CA LEU A 297 38.78 -6.84 15.40
C LEU A 297 39.04 -6.62 13.90
N GLU A 298 39.62 -5.47 13.57
CA GLU A 298 39.91 -5.16 12.18
C GLU A 298 40.99 -6.06 11.57
N LEU A 299 40.84 -6.38 10.28
CA LEU A 299 41.82 -7.23 9.60
C LEU A 299 43.06 -6.42 9.22
N LYS A 300 44.22 -7.08 9.24
CA LYS A 300 45.49 -6.44 8.92
C LYS A 300 46.24 -7.19 7.83
N GLU A 301 46.80 -6.46 6.87
CA GLU A 301 47.58 -7.08 5.80
C GLU A 301 49.01 -7.15 6.33
N VAL A 302 49.58 -8.35 6.40
CA VAL A 302 50.96 -8.52 6.89
C VAL A 302 51.82 -9.29 5.91
N GLY A 303 51.28 -9.52 4.72
CA GLY A 303 52.03 -10.24 3.70
C GLY A 303 53.40 -9.65 3.42
N PRO A 304 53.54 -8.30 3.38
CA PRO A 304 54.83 -7.67 3.12
C PRO A 304 55.92 -8.04 4.12
N LEU A 305 55.55 -8.18 5.39
CA LEU A 305 56.49 -8.53 6.44
C LEU A 305 57.12 -9.91 6.27
N PHE A 306 56.63 -10.69 5.32
CA PHE A 306 57.18 -12.04 5.17
C PHE A 306 58.08 -12.40 4.00
N ARG A 307 58.27 -11.51 3.03
CA ARG A 307 59.15 -11.87 1.91
C ARG A 307 60.52 -11.20 1.96
N GLN A 308 61.38 -11.75 2.80
CA GLN A 308 62.76 -11.31 3.01
C GLN A 308 63.31 -12.49 3.80
N SER A 309 62.39 -13.14 4.50
CA SER A 309 62.65 -14.33 5.29
C SER A 309 62.15 -15.48 4.43
N GLY A 310 61.20 -16.26 4.94
CA GLY A 310 60.69 -17.35 4.12
C GLY A 310 59.97 -18.52 4.76
N PHE A 311 58.64 -18.43 4.78
CA PHE A 311 57.81 -19.51 5.30
C PHE A 311 56.88 -19.88 4.15
N ARG A 312 57.19 -20.98 3.48
CA ARG A 312 56.41 -21.46 2.34
C ARG A 312 55.05 -20.79 2.11
N VAL A 313 54.02 -21.32 2.75
CA VAL A 313 52.66 -20.81 2.63
C VAL A 313 52.53 -19.28 2.62
N PHE A 314 53.23 -18.61 3.52
CA PHE A 314 53.17 -17.15 3.64
C PHE A 314 53.81 -16.32 2.53
N GLN A 315 54.29 -16.95 1.45
CA GLN A 315 54.92 -16.16 0.38
C GLN A 315 54.35 -16.43 -1.01
N GLU A 316 53.91 -17.65 -1.26
CA GLU A 316 53.33 -17.97 -2.57
C GLU A 316 52.03 -17.19 -2.67
N ALA A 317 51.50 -16.78 -1.52
CA ALA A 317 50.26 -16.02 -1.45
C ALA A 317 50.55 -14.54 -1.59
N GLU A 318 49.73 -13.86 -2.39
CA GLU A 318 49.92 -12.43 -2.60
C GLU A 318 49.47 -11.67 -1.37
N SER A 319 48.66 -12.33 -0.55
CA SER A 319 48.14 -11.71 0.66
C SER A 319 48.12 -12.62 1.88
N VAL A 320 48.42 -12.02 3.02
CA VAL A 320 48.41 -12.68 4.32
C VAL A 320 47.69 -11.71 5.24
N LYS A 321 46.49 -12.09 5.64
CA LYS A 321 45.67 -11.26 6.51
C LYS A 321 45.78 -11.77 7.94
N ALA A 322 45.89 -10.85 8.89
CA ALA A 322 46.00 -11.23 10.28
C ALA A 322 44.90 -10.61 11.13
N LEU A 323 44.58 -11.29 12.22
CA LEU A 323 43.55 -10.85 13.14
C LEU A 323 44.05 -11.11 14.56
N ALA A 324 43.96 -10.10 15.42
CA ALA A 324 44.42 -10.23 16.80
C ALA A 324 43.24 -10.34 17.77
N LEU A 325 43.03 -11.53 18.34
CA LEU A 325 41.94 -11.74 19.30
C LEU A 325 42.41 -11.50 20.73
N PRO A 326 41.63 -10.73 21.52
CA PRO A 326 41.96 -10.41 22.91
C PRO A 326 41.73 -11.56 23.89
N LYS A 327 42.14 -12.77 23.50
CA LYS A 327 41.97 -13.94 24.34
C LYS A 327 42.86 -15.09 23.91
N ALA A 328 43.34 -15.88 24.87
CA ALA A 328 44.17 -17.05 24.56
C ALA A 328 43.20 -18.19 24.23
N LEU A 329 43.10 -18.52 22.95
CA LEU A 329 42.18 -19.57 22.51
C LEU A 329 42.60 -20.98 22.88
N SER A 330 41.62 -21.88 22.93
CA SER A 330 41.86 -23.28 23.22
C SER A 330 41.96 -23.97 21.86
N ARG A 331 42.35 -25.24 21.86
CA ARG A 331 42.49 -25.98 20.62
C ARG A 331 41.14 -26.20 19.94
N LYS A 332 40.08 -26.31 20.75
CA LYS A 332 38.74 -26.54 20.21
C LYS A 332 38.21 -25.27 19.55
N GLU A 333 38.49 -24.13 20.16
CA GLU A 333 38.06 -22.84 19.63
C GLU A 333 38.77 -22.58 18.30
N VAL A 334 40.06 -22.92 18.23
CA VAL A 334 40.84 -22.74 17.00
C VAL A 334 40.31 -23.63 15.88
N ALA A 335 40.00 -24.87 16.22
CA ALA A 335 39.48 -25.83 15.24
C ALA A 335 38.14 -25.37 14.69
N GLU A 336 37.30 -24.80 15.55
CA GLU A 336 36.00 -24.33 15.11
C GLU A 336 36.18 -23.19 14.09
N LEU A 337 37.08 -22.26 14.40
CA LEU A 337 37.37 -21.12 13.51
C LEU A 337 37.99 -21.56 12.19
N GLU A 338 38.76 -22.65 12.23
CA GLU A 338 39.39 -23.15 11.02
C GLU A 338 38.35 -23.73 10.08
N GLU A 339 37.25 -24.25 10.64
CA GLU A 339 36.17 -24.81 9.85
C GLU A 339 35.50 -23.69 9.06
N VAL A 340 35.25 -22.57 9.73
CA VAL A 340 34.63 -21.41 9.10
C VAL A 340 35.50 -20.93 7.93
N ALA A 341 36.81 -20.84 8.17
CA ALA A 341 37.75 -20.40 7.15
C ALA A 341 37.70 -21.29 5.90
N LYS A 342 37.63 -22.60 6.12
CA LYS A 342 37.59 -23.56 5.03
C LYS A 342 36.27 -23.53 4.27
N ARG A 343 35.19 -23.17 4.98
CA ARG A 343 33.88 -23.09 4.36
C ARG A 343 33.97 -22.09 3.21
N HIS A 344 34.61 -20.95 3.47
CA HIS A 344 34.79 -19.91 2.47
C HIS A 344 36.08 -20.24 1.71
N LYS A 345 36.16 -21.50 1.31
CA LYS A 345 37.28 -22.07 0.58
C LYS A 345 38.64 -21.41 0.71
N ALA A 346 39.24 -21.58 1.89
CA ALA A 346 40.58 -21.07 2.19
C ALA A 346 41.30 -22.36 2.60
N GLN A 347 42.56 -22.52 2.20
CA GLN A 347 43.28 -23.75 2.51
C GLN A 347 43.42 -24.07 3.99
N GLY A 348 43.45 -23.05 4.84
CA GLY A 348 43.59 -23.30 6.26
C GLY A 348 43.72 -22.08 7.15
N LEU A 349 43.79 -22.32 8.45
CA LEU A 349 43.92 -21.25 9.41
C LEU A 349 45.20 -21.43 10.23
N ALA A 350 46.10 -20.45 10.17
CA ALA A 350 47.34 -20.54 10.92
C ALA A 350 47.16 -19.70 12.17
N TRP A 351 47.81 -20.09 13.27
CA TRP A 351 47.67 -19.35 14.52
C TRP A 351 48.92 -19.42 15.39
N ALA A 352 48.93 -18.57 16.41
CA ALA A 352 50.04 -18.51 17.34
C ALA A 352 49.62 -17.64 18.51
N ARG A 353 49.96 -18.05 19.73
CA ARG A 353 49.62 -17.26 20.92
C ARG A 353 50.70 -16.22 21.17
N VAL A 354 50.30 -15.07 21.70
CA VAL A 354 51.25 -14.01 21.98
C VAL A 354 51.57 -13.95 23.46
N GLU A 355 52.75 -14.45 23.81
CA GLU A 355 53.18 -14.45 25.20
C GLU A 355 54.16 -13.31 25.42
N GLU A 356 54.64 -13.18 26.66
CA GLU A 356 55.58 -12.13 27.01
C GLU A 356 56.94 -12.39 26.33
N GLY A 357 57.28 -11.56 25.36
CA GLY A 357 58.54 -11.69 24.65
C GLY A 357 58.65 -12.92 23.76
N GLY A 358 57.58 -13.24 23.02
CA GLY A 358 57.64 -14.40 22.15
C GLY A 358 56.27 -14.99 21.81
N PHE A 359 56.27 -16.00 20.94
CA PHE A 359 55.03 -16.66 20.53
C PHE A 359 55.02 -18.13 20.93
N SER A 360 53.83 -18.73 20.95
CA SER A 360 53.68 -20.14 21.31
C SER A 360 52.61 -20.86 20.50
N GLY A 361 52.85 -22.14 20.23
CA GLY A 361 51.90 -22.92 19.47
C GLY A 361 51.78 -22.50 18.01
N GLY A 362 51.11 -23.33 17.22
CA GLY A 362 50.91 -23.02 15.82
C GLY A 362 52.18 -22.76 15.02
N VAL A 363 52.20 -21.64 14.32
CA VAL A 363 53.32 -21.24 13.47
C VAL A 363 54.28 -20.28 14.18
N ALA A 364 54.29 -20.34 15.51
CA ALA A 364 55.13 -19.45 16.32
C ALA A 364 56.58 -19.33 15.86
N LYS A 365 57.20 -20.47 15.53
CA LYS A 365 58.60 -20.48 15.13
C LYS A 365 58.92 -19.58 13.93
N PHE A 366 57.95 -19.40 13.03
CA PHE A 366 58.18 -18.56 11.85
C PHE A 366 57.88 -17.10 12.12
N LEU A 367 57.29 -16.80 13.27
CA LEU A 367 56.95 -15.43 13.62
C LEU A 367 58.06 -14.71 14.39
N GLU A 368 58.83 -15.48 15.15
CA GLU A 368 59.92 -14.92 15.95
C GLU A 368 60.86 -14.00 15.16
N PRO A 369 61.22 -14.39 13.92
CA PRO A 369 62.13 -13.57 13.10
C PRO A 369 61.56 -12.21 12.70
N VAL A 370 60.29 -11.95 12.98
CA VAL A 370 59.65 -10.68 12.62
C VAL A 370 58.78 -10.14 13.77
N ARG A 371 58.96 -10.71 14.95
CA ARG A 371 58.20 -10.34 16.13
C ARG A 371 57.88 -8.85 16.29
N GLU A 372 58.92 -8.01 16.31
CA GLU A 372 58.73 -6.57 16.47
C GLU A 372 57.83 -5.93 15.43
N ALA A 373 58.12 -6.17 14.16
CA ALA A 373 57.33 -5.60 13.07
C ALA A 373 55.89 -6.11 13.06
N LEU A 374 55.70 -7.36 13.45
CA LEU A 374 54.38 -7.97 13.47
C LEU A 374 53.52 -7.39 14.59
N LEU A 375 54.10 -7.23 15.78
CA LEU A 375 53.37 -6.68 16.91
C LEU A 375 52.89 -5.26 16.67
N GLN A 376 53.62 -4.52 15.83
CA GLN A 376 53.23 -3.14 15.54
C GLN A 376 52.06 -3.14 14.56
N ALA A 377 52.23 -3.86 13.46
CA ALA A 377 51.20 -3.95 12.41
C ALA A 377 49.87 -4.45 12.96
N THR A 378 49.91 -5.40 13.87
CA THR A 378 48.70 -5.97 14.44
C THR A 378 48.29 -5.36 15.78
N GLU A 379 49.21 -4.66 16.43
CA GLU A 379 48.93 -4.04 17.72
C GLU A 379 48.56 -5.07 18.78
N ALA A 380 49.00 -6.32 18.59
CA ALA A 380 48.70 -7.38 19.54
C ALA A 380 49.51 -7.24 20.83
N ARG A 381 48.93 -7.69 21.93
CA ARG A 381 49.59 -7.63 23.23
C ARG A 381 49.65 -9.02 23.83
N PRO A 382 50.47 -9.21 24.88
CA PRO A 382 50.58 -10.53 25.52
C PRO A 382 49.21 -11.03 25.98
N GLY A 383 48.93 -12.29 25.71
CA GLY A 383 47.64 -12.83 26.10
C GLY A 383 46.72 -12.96 24.90
N ASP A 384 47.02 -12.25 23.82
CA ASP A 384 46.21 -12.32 22.61
C ASP A 384 46.59 -13.50 21.74
N THR A 385 45.72 -13.83 20.78
CA THR A 385 45.96 -14.92 19.87
C THR A 385 45.91 -14.37 18.45
N LEU A 386 46.90 -14.73 17.65
CA LEU A 386 46.99 -14.27 16.27
C LEU A 386 46.48 -15.33 15.31
N LEU A 387 45.66 -14.91 14.35
CA LEU A 387 45.12 -15.84 13.35
C LEU A 387 45.55 -15.31 11.99
N PHE A 388 45.82 -16.22 11.06
CA PHE A 388 46.25 -15.84 9.72
C PHE A 388 45.57 -16.66 8.63
N VAL A 389 45.41 -16.04 7.48
CA VAL A 389 44.83 -16.70 6.32
C VAL A 389 45.64 -16.19 5.13
N ALA A 390 46.30 -17.11 4.43
CA ALA A 390 47.13 -16.77 3.27
C ALA A 390 46.54 -17.30 1.98
N GLY A 391 46.60 -16.49 0.93
CA GLY A 391 46.06 -16.92 -0.35
C GLY A 391 45.68 -15.72 -1.20
N PRO A 392 44.79 -15.90 -2.19
CA PRO A 392 44.36 -14.79 -3.06
C PRO A 392 43.74 -13.67 -2.20
N ARG A 393 44.13 -12.43 -2.46
CA ARG A 393 43.62 -11.29 -1.70
C ARG A 393 42.12 -11.34 -1.36
N LYS A 394 41.30 -11.79 -2.31
CA LYS A 394 39.85 -11.87 -2.10
C LYS A 394 39.45 -13.02 -1.20
N VAL A 395 40.13 -14.16 -1.36
CA VAL A 395 39.83 -15.32 -0.55
C VAL A 395 40.27 -15.10 0.89
N ALA A 396 41.47 -14.54 1.06
CA ALA A 396 41.99 -14.30 2.39
C ALA A 396 41.08 -13.39 3.20
N ALA A 397 40.72 -12.26 2.59
CA ALA A 397 39.86 -11.27 3.25
C ALA A 397 38.48 -11.84 3.60
N THR A 398 37.81 -12.42 2.62
CA THR A 398 36.48 -12.99 2.85
C THR A 398 36.51 -14.08 3.91
N ALA A 399 37.47 -14.98 3.82
CA ALA A 399 37.61 -16.07 4.78
C ALA A 399 37.83 -15.54 6.19
N LEU A 400 38.82 -14.67 6.37
CA LEU A 400 39.09 -14.11 7.70
C LEU A 400 37.94 -13.22 8.15
N GLY A 401 37.21 -12.66 7.19
CA GLY A 401 36.08 -11.82 7.52
C GLY A 401 35.04 -12.65 8.25
N ALA A 402 34.81 -13.87 7.76
CA ALA A 402 33.86 -14.79 8.36
C ALA A 402 34.36 -15.22 9.75
N VAL A 403 35.68 -15.41 9.86
CA VAL A 403 36.28 -15.80 11.14
C VAL A 403 36.06 -14.70 12.17
N ARG A 404 36.21 -13.45 11.77
CA ARG A 404 36.01 -12.32 12.68
C ARG A 404 34.61 -12.34 13.31
N LEU A 405 33.60 -12.66 12.49
CA LEU A 405 32.21 -12.70 12.96
C LEU A 405 31.98 -13.85 13.93
N ARG A 406 32.37 -15.06 13.53
CA ARG A 406 32.20 -16.21 14.39
C ARG A 406 33.00 -16.01 15.69
N ALA A 407 34.13 -15.31 15.60
CA ALA A 407 34.98 -15.05 16.75
C ALA A 407 34.27 -14.16 17.76
N ALA A 408 33.44 -13.24 17.25
CA ALA A 408 32.71 -12.34 18.13
C ALA A 408 31.78 -13.13 19.04
N ASP A 409 31.23 -14.23 18.54
CA ASP A 409 30.33 -15.06 19.35
C ASP A 409 31.10 -15.82 20.43
N LEU A 410 32.14 -16.55 20.03
CA LEU A 410 32.93 -17.32 20.99
C LEU A 410 33.45 -16.47 22.15
N LEU A 411 33.99 -15.29 21.84
CA LEU A 411 34.54 -14.40 22.87
C LEU A 411 33.44 -13.70 23.67
N GLY A 412 32.21 -13.82 23.18
CA GLY A 412 31.09 -13.21 23.86
C GLY A 412 31.19 -11.71 23.91
N LEU A 413 31.74 -11.10 22.86
CA LEU A 413 31.87 -9.65 22.82
C LEU A 413 30.48 -9.03 22.86
N LYS A 414 30.41 -7.79 23.37
CA LYS A 414 29.14 -7.08 23.47
C LYS A 414 28.80 -6.36 22.16
N ARG A 415 27.78 -6.85 21.48
CA ARG A 415 27.34 -6.28 20.21
C ARG A 415 25.94 -5.70 20.40
N GLU A 416 25.87 -4.45 20.85
CA GLU A 416 24.60 -3.81 21.06
C GLU A 416 24.52 -2.44 20.40
N GLY A 417 23.30 -1.95 20.22
CA GLY A 417 23.10 -0.66 19.58
C GLY A 417 22.83 -0.82 18.10
N PHE A 418 22.71 0.29 17.38
CA PHE A 418 22.45 0.26 15.95
C PHE A 418 23.56 1.00 15.22
N ARG A 419 24.36 0.26 14.46
CA ARG A 419 25.46 0.88 13.74
C ARG A 419 25.20 0.86 12.25
N PHE A 420 24.85 2.03 11.72
CA PHE A 420 24.57 2.19 10.31
C PHE A 420 25.84 2.67 9.60
N LEU A 421 25.94 2.35 8.31
CA LEU A 421 27.06 2.82 7.49
C LEU A 421 26.68 2.63 6.03
N TRP A 422 27.30 3.44 5.18
CA TRP A 422 27.10 3.39 3.73
C TRP A 422 28.32 2.76 3.12
N VAL A 423 28.12 1.83 2.19
CA VAL A 423 29.25 1.22 1.47
C VAL A 423 29.07 1.79 0.06
N VAL A 424 30.08 2.51 -0.43
CA VAL A 424 30.03 3.14 -1.74
C VAL A 424 31.16 2.74 -2.67
N ASP A 425 31.13 3.29 -3.89
CA ASP A 425 32.15 3.03 -4.89
C ASP A 425 32.28 1.58 -5.30
N PHE A 426 31.16 0.90 -5.49
CA PHE A 426 31.23 -0.50 -5.91
C PHE A 426 31.66 -0.49 -7.38
N PRO A 427 32.17 -1.63 -7.88
CA PRO A 427 32.57 -1.68 -9.29
C PRO A 427 31.29 -1.81 -10.10
N LEU A 428 31.32 -1.39 -11.36
CA LEU A 428 30.13 -1.46 -12.21
C LEU A 428 29.79 -2.87 -12.71
N LEU A 429 30.82 -3.62 -13.12
CA LEU A 429 30.62 -4.97 -13.64
C LEU A 429 31.09 -6.08 -12.70
N GLU A 430 30.43 -7.23 -12.80
CA GLU A 430 30.73 -8.39 -11.95
C GLU A 430 31.75 -9.37 -12.50
N TRP A 431 31.87 -10.51 -11.84
CA TRP A 431 32.79 -11.59 -12.20
C TRP A 431 32.32 -12.35 -13.44
N ASP A 432 32.68 -11.90 -14.62
CA ASP A 432 32.26 -12.60 -15.82
C ASP A 432 33.29 -13.66 -16.21
N GLU A 433 34.26 -13.85 -15.33
CA GLU A 433 35.32 -14.83 -15.54
C GLU A 433 36.19 -14.55 -16.76
N GLU A 434 36.84 -15.59 -17.28
CA GLU A 434 37.76 -15.43 -18.42
C GLU A 434 37.34 -15.77 -19.83
N GLU A 435 36.15 -16.33 -20.05
CA GLU A 435 35.79 -16.63 -21.43
C GLU A 435 35.50 -15.38 -22.27
N GLU A 436 34.49 -14.61 -21.88
CA GLU A 436 34.13 -13.42 -22.66
C GLU A 436 33.78 -12.12 -21.91
N ALA A 437 32.66 -11.53 -22.31
CA ALA A 437 32.16 -10.26 -21.77
C ALA A 437 31.65 -10.24 -20.32
N TRP A 438 31.72 -9.04 -19.74
CA TRP A 438 31.28 -8.81 -18.36
C TRP A 438 29.76 -8.86 -18.18
N THR A 439 29.34 -8.64 -16.94
CA THR A 439 27.93 -8.63 -16.57
C THR A 439 27.75 -7.53 -15.51
N TYR A 440 26.51 -7.15 -15.23
CA TYR A 440 26.26 -6.11 -14.23
C TYR A 440 26.24 -6.64 -12.81
N MET A 441 26.69 -5.80 -11.86
CA MET A 441 26.72 -6.18 -10.46
C MET A 441 25.54 -5.56 -9.69
N HIS A 442 24.93 -4.55 -10.29
CA HIS A 442 23.80 -3.86 -9.68
C HIS A 442 22.58 -4.07 -10.57
N HIS A 443 22.44 -3.19 -11.56
CA HIS A 443 21.36 -3.29 -12.53
C HIS A 443 21.76 -2.48 -13.75
N PRO A 444 21.39 -2.95 -14.95
CA PRO A 444 21.69 -2.33 -16.24
C PRO A 444 21.58 -0.80 -16.28
N PHE A 445 20.70 -0.24 -15.46
CA PHE A 445 20.51 1.20 -15.46
C PHE A 445 21.37 1.98 -14.48
N THR A 446 22.29 1.30 -13.80
CA THR A 446 23.16 1.97 -12.85
C THR A 446 24.22 2.77 -13.60
N SER A 447 24.41 4.02 -13.21
CA SER A 447 25.38 4.90 -13.85
C SER A 447 26.83 4.68 -13.42
N PRO A 448 27.74 4.58 -14.39
CA PRO A 448 29.13 4.38 -13.98
C PRO A 448 29.64 5.73 -13.50
N HIS A 449 30.70 5.74 -12.70
CA HIS A 449 31.24 7.00 -12.23
C HIS A 449 31.62 7.79 -13.49
N PRO A 450 31.35 9.10 -13.49
CA PRO A 450 31.66 9.96 -14.64
C PRO A 450 33.15 10.06 -14.99
N GLU A 451 33.99 10.29 -13.98
CA GLU A 451 35.43 10.40 -14.20
C GLU A 451 36.00 9.09 -14.77
N ASP A 452 35.29 7.98 -14.55
CA ASP A 452 35.73 6.68 -15.04
C ASP A 452 35.14 6.35 -16.39
N LEU A 453 34.37 7.28 -16.94
CA LEU A 453 33.72 7.08 -18.22
C LEU A 453 34.64 6.55 -19.34
N PRO A 454 35.80 7.19 -19.56
CA PRO A 454 36.72 6.74 -20.61
C PRO A 454 37.21 5.30 -20.43
N LEU A 455 37.57 4.94 -19.21
CA LEU A 455 38.05 3.60 -18.92
C LEU A 455 37.03 2.52 -19.27
N LEU A 456 35.81 2.94 -19.55
CA LEU A 456 34.75 2.00 -19.89
C LEU A 456 35.08 1.14 -21.09
N GLU A 457 35.96 1.64 -21.96
CA GLU A 457 36.33 0.91 -23.17
C GLU A 457 37.64 0.12 -23.07
N LYS A 458 38.70 0.79 -22.62
CA LYS A 458 40.01 0.18 -22.51
C LYS A 458 40.25 -0.68 -21.27
N ASP A 459 39.66 -0.31 -20.15
CA ASP A 459 39.83 -1.06 -18.91
C ASP A 459 38.58 -0.98 -18.04
N PRO A 460 37.48 -1.60 -18.48
CA PRO A 460 36.22 -1.59 -17.72
C PRO A 460 36.34 -2.34 -16.40
N GLY A 461 37.54 -2.80 -16.11
CA GLY A 461 37.78 -3.53 -14.87
C GLY A 461 37.65 -2.66 -13.64
N ARG A 462 38.30 -1.50 -13.65
CA ARG A 462 38.25 -0.59 -12.51
C ARG A 462 37.39 0.66 -12.72
N VAL A 463 36.24 0.47 -13.35
CA VAL A 463 35.32 1.58 -13.55
C VAL A 463 34.28 1.42 -12.44
N ARG A 464 34.21 2.41 -11.55
CA ARG A 464 33.26 2.35 -10.46
C ARG A 464 31.84 2.80 -10.84
N ALA A 465 30.86 2.37 -10.05
CA ALA A 465 29.47 2.73 -10.30
C ALA A 465 29.02 3.76 -9.28
N LEU A 466 27.93 4.46 -9.58
CA LEU A 466 27.40 5.43 -8.64
C LEU A 466 26.30 4.69 -7.87
N ALA A 467 26.71 3.63 -7.15
CA ALA A 467 25.80 2.81 -6.37
C ALA A 467 26.18 2.85 -4.90
N TYR A 468 25.21 2.60 -4.03
CA TYR A 468 25.45 2.64 -2.60
C TYR A 468 24.55 1.66 -1.85
N ASP A 469 25.10 1.05 -0.81
CA ASP A 469 24.36 0.10 0.02
C ASP A 469 24.28 0.67 1.43
N LEU A 470 23.13 0.45 2.08
CA LEU A 470 22.86 0.90 3.43
C LEU A 470 22.92 -0.36 4.27
N VAL A 471 23.80 -0.37 5.26
CA VAL A 471 23.98 -1.55 6.10
C VAL A 471 23.72 -1.22 7.55
N LEU A 472 23.13 -2.18 8.28
CA LEU A 472 22.84 -2.01 9.69
C LEU A 472 23.30 -3.27 10.42
N ASN A 473 24.24 -3.11 11.36
CA ASN A 473 24.72 -4.24 12.14
C ASN A 473 25.06 -5.46 11.31
N GLY A 474 25.78 -5.25 10.19
CA GLY A 474 26.18 -6.37 9.36
C GLY A 474 25.15 -6.91 8.41
N VAL A 475 24.02 -6.21 8.26
CA VAL A 475 22.97 -6.66 7.36
C VAL A 475 22.60 -5.58 6.34
N GLU A 476 22.41 -5.98 5.09
CA GLU A 476 22.03 -5.03 4.06
C GLU A 476 20.54 -4.69 4.21
N VAL A 477 20.21 -3.43 4.48
CA VAL A 477 18.80 -3.06 4.62
C VAL A 477 18.33 -2.20 3.46
N GLY A 478 19.26 -1.76 2.61
CA GLY A 478 18.86 -0.92 1.49
C GLY A 478 19.93 -0.76 0.44
N GLY A 479 19.56 -0.24 -0.71
CA GLY A 479 20.53 -0.03 -1.78
C GLY A 479 19.92 0.69 -2.96
N GLY A 480 20.75 1.47 -3.66
CA GLY A 480 20.26 2.19 -4.81
C GLY A 480 21.41 2.74 -5.63
N SER A 481 21.11 3.67 -6.51
CA SER A 481 22.12 4.27 -7.36
C SER A 481 21.57 5.40 -8.20
N ILE A 482 22.50 6.17 -8.79
CA ILE A 482 22.16 7.25 -9.72
C ILE A 482 21.93 6.47 -11.01
N ARG A 483 20.86 6.81 -11.74
CA ARG A 483 20.53 6.10 -12.98
C ARG A 483 21.14 6.78 -14.21
N ILE A 484 21.17 6.05 -15.32
CA ILE A 484 21.67 6.56 -16.59
C ILE A 484 20.47 7.28 -17.24
N HIS A 485 20.61 8.56 -17.55
CA HIS A 485 19.50 9.28 -18.20
C HIS A 485 19.79 9.61 -19.67
N ASP A 486 20.99 9.26 -20.13
CA ASP A 486 21.37 9.52 -21.52
C ASP A 486 21.18 8.25 -22.34
N PRO A 487 20.24 8.26 -23.29
CA PRO A 487 19.95 7.11 -24.16
C PRO A 487 21.19 6.57 -24.88
N ARG A 488 22.13 7.47 -25.20
CA ARG A 488 23.35 7.07 -25.91
C ARG A 488 24.30 6.34 -24.96
N LEU A 489 24.48 6.88 -23.76
CA LEU A 489 25.36 6.26 -22.78
C LEU A 489 24.82 4.89 -22.44
N GLN A 490 23.51 4.78 -22.27
CA GLN A 490 22.87 3.51 -21.95
C GLN A 490 23.34 2.49 -22.98
N ALA A 491 23.30 2.88 -24.24
CA ALA A 491 23.70 2.02 -25.34
C ALA A 491 25.18 1.65 -25.18
N ARG A 492 26.03 2.67 -25.05
CA ARG A 492 27.46 2.45 -24.88
C ARG A 492 27.68 1.38 -23.83
N VAL A 493 26.87 1.43 -22.76
CA VAL A 493 26.95 0.45 -21.68
C VAL A 493 26.49 -0.90 -22.20
N PHE A 494 25.34 -0.92 -22.86
CA PHE A 494 24.82 -2.15 -23.42
C PHE A 494 25.83 -2.79 -24.39
N ARG A 495 26.76 -1.96 -24.90
CA ARG A 495 27.79 -2.44 -25.81
C ARG A 495 28.70 -3.37 -25.03
N LEU A 496 29.08 -2.95 -23.82
CA LEU A 496 29.95 -3.74 -22.97
C LEU A 496 29.26 -5.00 -22.45
N LEU A 497 28.05 -4.85 -21.92
CA LEU A 497 27.30 -5.98 -21.39
C LEU A 497 27.02 -7.02 -22.47
N GLY A 498 27.16 -6.63 -23.72
CA GLY A 498 26.94 -7.56 -24.81
C GLY A 498 25.49 -7.88 -25.11
N ILE A 499 24.57 -6.98 -24.74
CA ILE A 499 23.15 -7.20 -25.00
C ILE A 499 22.78 -6.65 -26.37
N GLY A 500 22.25 -7.52 -27.23
CA GLY A 500 21.88 -7.12 -28.58
C GLY A 500 20.86 -6.01 -28.67
N GLU A 501 20.94 -5.23 -29.75
CA GLU A 501 20.02 -4.11 -29.97
C GLU A 501 18.64 -4.61 -30.33
N GLU A 502 18.47 -5.92 -30.34
CA GLU A 502 17.18 -6.53 -30.65
C GLU A 502 16.59 -7.07 -29.37
N GLU A 503 17.47 -7.41 -28.44
CA GLU A 503 17.08 -7.95 -27.14
C GLU A 503 16.69 -6.79 -26.24
N GLN A 504 17.33 -5.65 -26.43
CA GLN A 504 17.04 -4.45 -25.65
C GLN A 504 15.64 -3.99 -26.03
N ARG A 505 15.36 -4.04 -27.33
CA ARG A 505 14.07 -3.62 -27.86
C ARG A 505 12.97 -4.58 -27.44
N GLU A 506 13.33 -5.64 -26.73
CA GLU A 506 12.35 -6.63 -26.28
C GLU A 506 12.15 -6.61 -24.78
N LYS A 507 13.23 -6.37 -24.04
CA LYS A 507 13.15 -6.36 -22.58
C LYS A 507 13.10 -4.96 -21.96
N PHE A 508 13.44 -3.94 -22.74
CA PHE A 508 13.43 -2.57 -22.24
C PHE A 508 12.99 -1.55 -23.29
N GLY A 509 12.50 -2.06 -24.41
CA GLY A 509 12.06 -1.20 -25.51
C GLY A 509 11.26 0.04 -25.18
N PHE A 510 10.15 -0.13 -24.48
CA PHE A 510 9.31 1.00 -24.12
C PHE A 510 10.07 2.00 -23.22
N PHE A 511 10.97 1.50 -22.37
CA PHE A 511 11.70 2.40 -21.48
C PHE A 511 12.83 3.18 -22.18
N LEU A 512 13.50 2.52 -23.12
CA LEU A 512 14.56 3.17 -23.86
C LEU A 512 13.99 4.32 -24.69
N GLU A 513 12.76 4.16 -25.16
CA GLU A 513 12.14 5.20 -25.94
C GLU A 513 11.80 6.40 -25.06
N ALA A 514 11.46 6.13 -23.80
CA ALA A 514 11.12 7.19 -22.86
C ALA A 514 12.31 8.11 -22.62
N LEU A 515 13.50 7.52 -22.58
CA LEU A 515 14.71 8.30 -22.36
C LEU A 515 14.97 9.31 -23.47
N GLU A 516 14.35 9.11 -24.63
CA GLU A 516 14.59 10.02 -25.76
C GLU A 516 13.76 11.29 -25.74
N TYR A 517 12.84 11.39 -24.80
CA TYR A 517 11.98 12.57 -24.69
C TYR A 517 12.39 13.54 -23.59
N GLY A 518 13.66 13.48 -23.20
CA GLY A 518 14.15 14.40 -22.18
C GLY A 518 14.06 13.90 -20.75
N ALA A 519 14.97 13.00 -20.38
CA ALA A 519 15.01 12.47 -19.03
C ALA A 519 15.97 13.30 -18.21
N PRO A 520 15.57 13.69 -16.99
CA PRO A 520 16.47 14.49 -16.16
C PRO A 520 17.39 13.53 -15.39
N PRO A 521 18.49 14.06 -14.83
CA PRO A 521 19.40 13.20 -14.05
C PRO A 521 18.55 12.78 -12.87
N HIS A 522 18.63 11.51 -12.47
CA HIS A 522 17.83 11.07 -11.35
C HIS A 522 18.49 9.88 -10.66
N GLY A 523 17.98 9.51 -9.48
CA GLY A 523 18.54 8.38 -8.75
C GLY A 523 17.69 8.10 -7.51
N GLY A 524 17.91 6.97 -6.87
CA GLY A 524 17.09 6.70 -5.70
C GLY A 524 17.57 5.54 -4.88
N ILE A 525 16.64 4.86 -4.21
CA ILE A 525 17.02 3.77 -3.33
C ILE A 525 15.79 3.00 -2.89
N ALA A 526 15.99 1.79 -2.36
CA ALA A 526 14.89 0.99 -1.84
C ALA A 526 15.36 0.32 -0.56
N TRP A 527 14.52 0.35 0.48
CA TRP A 527 14.83 -0.29 1.78
C TRP A 527 14.01 -1.58 1.88
N GLY A 528 14.58 -2.61 2.49
CA GLY A 528 13.86 -3.87 2.71
C GLY A 528 13.18 -3.53 4.03
N LEU A 529 11.92 -3.13 3.97
CA LEU A 529 11.24 -2.72 5.19
C LEU A 529 11.02 -3.82 6.23
N ASP A 530 10.69 -5.04 5.79
CA ASP A 530 10.47 -6.16 6.70
C ASP A 530 11.78 -6.47 7.44
N ARG A 531 12.90 -6.46 6.72
CA ARG A 531 14.19 -6.76 7.36
C ARG A 531 14.58 -5.65 8.37
N LEU A 532 14.30 -4.40 8.03
CA LEU A 532 14.63 -3.28 8.94
C LEU A 532 13.83 -3.44 10.24
N LEU A 533 12.55 -3.77 10.09
CA LEU A 533 11.67 -3.93 11.25
C LEU A 533 12.12 -5.11 12.13
N ALA A 534 12.58 -6.18 11.50
CA ALA A 534 13.04 -7.34 12.26
C ALA A 534 14.26 -6.96 13.11
N LEU A 535 15.15 -6.15 12.55
CA LEU A 535 16.35 -5.71 13.29
C LEU A 535 16.00 -4.73 14.41
N MET A 536 15.04 -3.84 14.16
CA MET A 536 14.63 -2.84 15.17
C MET A 536 13.97 -3.52 16.37
N THR A 537 13.35 -4.66 16.11
CA THR A 537 12.63 -5.39 17.13
C THR A 537 13.41 -6.59 17.70
N GLY A 538 14.59 -6.85 17.16
CA GLY A 538 15.39 -7.97 17.63
C GLY A 538 14.75 -9.32 17.32
N SER A 539 13.92 -9.36 16.28
CA SER A 539 13.25 -10.60 15.89
C SER A 539 14.19 -11.54 15.14
N PRO A 540 14.01 -12.86 15.33
CA PRO A 540 14.85 -13.86 14.66
C PRO A 540 14.45 -14.09 13.20
N SER A 541 13.27 -13.61 12.83
CA SER A 541 12.76 -13.79 11.47
C SER A 541 11.83 -12.66 11.07
N ILE A 542 11.69 -12.41 9.78
CA ILE A 542 10.79 -11.34 9.36
C ILE A 542 9.34 -11.81 9.53
N ARG A 543 9.14 -13.08 9.88
CA ARG A 543 7.78 -13.59 10.07
C ARG A 543 7.15 -12.98 11.31
N GLU A 544 7.99 -12.48 12.20
CA GLU A 544 7.56 -11.86 13.46
C GLU A 544 7.05 -10.42 13.26
N VAL A 545 7.29 -9.83 12.10
CA VAL A 545 6.83 -8.46 11.84
C VAL A 545 5.91 -8.33 10.65
N ILE A 546 5.29 -9.44 10.25
CA ILE A 546 4.34 -9.47 9.15
C ILE A 546 3.10 -10.13 9.75
N ALA A 547 1.93 -9.51 9.60
CA ALA A 547 0.71 -10.07 10.20
C ALA A 547 0.41 -11.51 9.82
N PHE A 548 0.31 -11.78 8.51
CA PHE A 548 0.00 -13.14 8.04
C PHE A 548 1.01 -13.66 7.02
N PRO A 549 2.16 -14.16 7.48
CA PRO A 549 3.21 -14.66 6.59
C PRO A 549 2.99 -16.11 6.10
N LYS A 550 3.85 -16.58 5.19
CA LYS A 550 3.80 -17.96 4.67
C LYS A 550 4.90 -18.73 5.40
N ASN A 551 4.80 -20.07 5.40
CA ASN A 551 5.86 -20.86 6.03
C ASN A 551 7.05 -21.00 5.08
N LYS A 552 7.99 -21.88 5.42
CA LYS A 552 9.19 -22.07 4.61
C LYS A 552 8.94 -22.63 3.21
N GLU A 553 7.85 -23.37 3.02
CA GLU A 553 7.55 -23.93 1.71
C GLU A 553 6.69 -22.96 0.88
N GLY A 554 6.51 -21.75 1.38
CA GLY A 554 5.70 -20.77 0.66
C GLY A 554 4.22 -21.07 0.79
N LYS A 555 3.85 -21.90 1.77
CA LYS A 555 2.46 -22.26 1.96
C LYS A 555 1.82 -21.50 3.12
N ASP A 556 0.49 -21.49 3.16
CA ASP A 556 -0.24 -20.81 4.21
C ASP A 556 -1.10 -21.77 5.01
N PRO A 557 -0.61 -22.20 6.19
CA PRO A 557 -1.33 -23.12 7.07
C PRO A 557 -2.69 -22.58 7.52
N LEU A 558 -2.80 -21.27 7.71
CA LEU A 558 -4.07 -20.67 8.14
C LEU A 558 -5.20 -20.88 7.13
N THR A 559 -4.94 -20.52 5.87
CA THR A 559 -5.95 -20.64 4.84
C THR A 559 -5.82 -21.89 4.00
N GLY A 560 -4.63 -22.47 3.99
CA GLY A 560 -4.39 -23.65 3.19
C GLY A 560 -4.29 -23.26 1.73
N ALA A 561 -3.66 -22.11 1.47
CA ALA A 561 -3.49 -21.61 0.11
C ALA A 561 -1.99 -21.64 -0.16
N PRO A 562 -1.53 -22.27 -1.25
CA PRO A 562 -1.70 -23.05 -2.48
C PRO A 562 -2.72 -24.18 -2.50
N SER A 563 -3.79 -24.02 -3.27
CA SER A 563 -4.83 -25.05 -3.37
C SER A 563 -5.20 -25.36 -4.83
N PRO A 564 -5.79 -26.56 -5.07
CA PRO A 564 -6.20 -26.98 -6.41
C PRO A 564 -7.45 -26.23 -6.86
N VAL A 565 -7.62 -26.07 -8.17
CA VAL A 565 -8.80 -25.39 -8.68
C VAL A 565 -9.57 -26.34 -9.62
N PRO A 566 -10.89 -26.17 -9.73
CA PRO A 566 -11.70 -27.03 -10.60
C PRO A 566 -11.11 -27.13 -12.01
N GLU A 567 -11.12 -28.34 -12.56
CA GLU A 567 -10.58 -28.58 -13.88
C GLU A 567 -11.22 -27.69 -14.95
N GLU A 568 -12.48 -27.30 -14.72
CA GLU A 568 -13.17 -26.46 -15.69
C GLU A 568 -12.79 -24.99 -15.53
N GLN A 569 -12.35 -24.61 -14.34
CA GLN A 569 -11.95 -23.23 -14.08
C GLN A 569 -10.67 -22.98 -14.89
N LEU A 570 -9.78 -23.97 -14.91
CA LEU A 570 -8.54 -23.84 -15.65
C LEU A 570 -8.80 -23.87 -17.15
N ARG A 571 -9.68 -24.76 -17.57
CA ARG A 571 -10.02 -24.86 -18.98
C ARG A 571 -10.52 -23.51 -19.47
N GLU A 572 -11.26 -22.81 -18.60
CA GLU A 572 -11.81 -21.49 -18.90
C GLU A 572 -10.66 -20.55 -19.24
N LEU A 573 -9.53 -20.74 -18.57
CA LEU A 573 -8.35 -19.92 -18.80
C LEU A 573 -7.52 -20.49 -19.95
N GLY A 574 -7.93 -21.64 -20.48
CA GLY A 574 -7.17 -22.25 -21.57
C GLY A 574 -5.85 -22.82 -21.10
N LEU A 575 -5.89 -23.49 -19.96
CA LEU A 575 -4.70 -24.11 -19.40
C LEU A 575 -5.03 -25.51 -18.87
N MET A 576 -4.03 -26.39 -18.90
CA MET A 576 -4.14 -27.76 -18.39
C MET A 576 -2.84 -28.10 -17.65
N VAL A 577 -2.96 -28.89 -16.59
CA VAL A 577 -1.80 -29.28 -15.78
C VAL A 577 -0.97 -30.41 -16.39
N VAL A 578 0.35 -30.32 -16.23
CA VAL A 578 1.26 -31.34 -16.73
C VAL A 578 2.21 -31.89 -15.65
N ARG A 579 3.42 -31.33 -15.52
CA ARG A 579 4.41 -31.82 -14.53
C ARG A 579 5.39 -30.70 -14.06
N PRO A 580 5.76 -30.66 -12.76
CA PRO A 580 6.65 -29.70 -12.10
C PRO A 580 6.36 -28.42 -11.35
N MET B 1 25.48 23.26 -8.99
CA MET B 1 24.48 22.36 -9.63
C MET B 1 23.11 22.44 -8.96
N ARG B 2 23.05 22.05 -7.68
CA ARG B 2 21.80 22.08 -6.94
C ARG B 2 21.02 23.37 -7.23
N ARG B 3 19.72 23.20 -7.43
CA ARG B 3 18.83 24.32 -7.71
C ARG B 3 18.63 25.10 -6.42
N THR B 4 18.24 26.35 -6.56
CA THR B 4 18.02 27.17 -5.38
C THR B 4 16.52 27.25 -5.09
N HIS B 5 15.70 27.20 -6.14
CA HIS B 5 14.25 27.30 -6.00
C HIS B 5 13.55 26.45 -7.07
N TYR B 6 12.28 26.12 -6.85
CA TYR B 6 11.52 25.42 -7.87
C TYR B 6 11.22 26.57 -8.83
N ALA B 7 11.20 26.31 -10.13
CA ALA B 7 10.92 27.34 -11.12
C ALA B 7 9.58 28.08 -10.89
N GLY B 8 8.52 27.35 -10.62
CA GLY B 8 7.24 28.02 -10.41
C GLY B 8 7.03 28.67 -9.06
N SER B 9 8.06 28.69 -8.22
CA SER B 9 7.94 29.27 -6.89
C SER B 9 8.38 30.74 -6.80
N LEU B 10 9.06 31.22 -7.84
CA LEU B 10 9.55 32.59 -7.84
C LEU B 10 8.46 33.65 -7.72
N ARG B 11 8.74 34.66 -6.88
CA ARG B 11 7.81 35.74 -6.63
C ARG B 11 8.51 37.10 -6.56
N GLU B 12 7.71 38.16 -6.48
CA GLU B 12 8.26 39.50 -6.43
C GLU B 12 9.24 39.67 -5.28
N THR B 13 9.15 38.80 -4.29
CA THR B 13 10.03 38.86 -3.14
C THR B 13 11.43 38.33 -3.43
N HIS B 14 11.62 37.70 -4.59
CA HIS B 14 12.93 37.17 -4.94
C HIS B 14 13.72 38.11 -5.84
N VAL B 15 13.15 39.28 -6.14
CA VAL B 15 13.84 40.24 -7.00
C VAL B 15 15.20 40.59 -6.43
N GLY B 16 16.23 40.52 -7.27
CA GLY B 16 17.58 40.85 -6.83
C GLY B 16 18.43 39.64 -6.49
N GLU B 17 17.81 38.50 -6.23
CA GLU B 17 18.57 37.30 -5.89
C GLU B 17 19.13 36.60 -7.13
N GLU B 18 20.23 35.89 -6.94
CA GLU B 18 20.87 35.11 -8.00
C GLU B 18 20.29 33.70 -7.84
N VAL B 19 19.76 33.14 -8.92
CA VAL B 19 19.13 31.84 -8.83
C VAL B 19 19.68 30.79 -9.80
N VAL B 20 19.46 29.52 -9.44
CA VAL B 20 19.86 28.41 -10.28
C VAL B 20 18.58 27.57 -10.41
N LEU B 21 18.11 27.39 -11.64
CA LEU B 21 16.88 26.63 -11.90
C LEU B 21 17.16 25.44 -12.83
N GLU B 22 16.33 24.40 -12.69
CA GLU B 22 16.45 23.19 -13.49
C GLU B 22 15.03 22.75 -13.88
N GLY B 23 14.85 22.40 -15.15
CA GLY B 23 13.52 22.01 -15.59
C GLY B 23 13.47 21.77 -17.08
N TRP B 24 12.26 21.85 -17.64
CA TRP B 24 12.02 21.59 -19.05
C TRP B 24 11.63 22.85 -19.82
N VAL B 25 12.03 22.94 -21.07
CA VAL B 25 11.65 24.09 -21.86
C VAL B 25 10.22 23.88 -22.33
N ASN B 26 9.29 24.70 -21.82
CA ASN B 26 7.89 24.60 -22.20
C ASN B 26 7.67 25.24 -23.58
N ARG B 27 8.35 26.36 -23.82
CA ARG B 27 8.20 27.06 -25.08
C ARG B 27 9.36 28.06 -25.28
N ARG B 28 9.71 28.31 -26.52
CA ARG B 28 10.76 29.27 -26.83
C ARG B 28 10.20 30.29 -27.81
N ARG B 29 10.44 31.58 -27.56
CA ARG B 29 10.00 32.65 -28.44
C ARG B 29 11.17 33.56 -28.79
N ASP B 30 11.39 33.75 -30.08
CA ASP B 30 12.45 34.62 -30.58
C ASP B 30 11.77 35.94 -30.94
N LEU B 31 12.02 36.99 -30.15
CA LEU B 31 11.40 38.28 -30.41
C LEU B 31 12.28 39.25 -31.17
N GLY B 32 13.31 38.73 -31.83
CA GLY B 32 14.21 39.57 -32.60
C GLY B 32 15.34 40.14 -31.76
N GLY B 33 16.45 39.41 -31.72
CA GLY B 33 17.60 39.83 -30.94
C GLY B 33 17.32 39.72 -29.45
N LEU B 34 16.38 38.85 -29.12
CA LEU B 34 15.99 38.65 -27.74
C LEU B 34 15.23 37.33 -27.68
N ILE B 35 15.71 36.39 -26.88
CA ILE B 35 15.07 35.08 -26.76
C ILE B 35 14.41 34.89 -25.40
N PHE B 36 13.14 34.49 -25.40
CA PHE B 36 12.41 34.24 -24.14
C PHE B 36 12.14 32.75 -24.02
N LEU B 37 12.48 32.16 -22.89
CA LEU B 37 12.22 30.72 -22.70
C LEU B 37 11.32 30.51 -21.49
N ASP B 38 10.27 29.71 -21.63
CA ASP B 38 9.41 29.44 -20.49
C ASP B 38 9.89 28.12 -19.90
N LEU B 39 10.52 28.19 -18.72
CA LEU B 39 11.05 27.03 -18.01
C LEU B 39 9.95 26.41 -17.12
N ARG B 40 9.81 25.10 -17.19
CA ARG B 40 8.79 24.40 -16.40
C ARG B 40 9.31 23.35 -15.44
N ASP B 41 8.66 23.28 -14.26
CA ASP B 41 8.89 22.20 -13.31
C ASP B 41 7.54 21.99 -12.61
N ARG B 42 7.46 21.03 -11.69
CA ARG B 42 6.20 20.70 -11.01
C ARG B 42 5.42 21.89 -10.42
N GLU B 43 6.13 22.95 -10.00
CA GLU B 43 5.44 24.09 -9.40
C GLU B 43 4.92 25.12 -10.39
N GLY B 44 5.33 25.04 -11.65
CA GLY B 44 4.84 26.00 -12.62
C GLY B 44 5.88 26.53 -13.57
N LEU B 45 5.52 27.61 -14.27
CA LEU B 45 6.38 28.23 -15.27
C LEU B 45 7.06 29.52 -14.83
N VAL B 46 8.24 29.78 -15.38
CA VAL B 46 8.98 31.04 -15.16
C VAL B 46 9.59 31.47 -16.47
N GLN B 47 9.49 32.76 -16.76
CA GLN B 47 10.05 33.30 -17.99
C GLN B 47 11.53 33.60 -17.83
N LEU B 48 12.35 33.08 -18.76
CA LEU B 48 13.79 33.32 -18.75
C LEU B 48 14.06 34.23 -19.93
N VAL B 49 14.97 35.19 -19.76
CA VAL B 49 15.29 36.13 -20.83
C VAL B 49 16.77 36.07 -21.18
N ALA B 50 17.06 35.83 -22.46
CA ALA B 50 18.45 35.79 -22.91
C ALA B 50 18.68 36.91 -23.93
N HIS B 51 19.66 37.77 -23.62
CA HIS B 51 20.05 38.89 -24.49
C HIS B 51 21.37 38.54 -25.18
N PRO B 52 21.64 39.14 -26.35
CA PRO B 52 22.86 38.89 -27.12
C PRO B 52 24.16 39.11 -26.33
N ALA B 53 24.11 39.96 -25.31
CA ALA B 53 25.29 40.23 -24.51
C ALA B 53 25.56 39.15 -23.47
N SER B 54 24.59 38.26 -23.27
CA SER B 54 24.73 37.19 -22.31
C SER B 54 25.45 35.97 -22.85
N PRO B 55 26.26 35.31 -22.01
CA PRO B 55 27.00 34.11 -22.43
C PRO B 55 26.06 32.95 -22.72
N ALA B 56 24.81 33.06 -22.25
CA ALA B 56 23.81 32.03 -22.45
C ALA B 56 23.03 32.14 -23.77
N TYR B 57 23.18 33.26 -24.45
CA TYR B 57 22.47 33.50 -25.70
C TYR B 57 22.68 32.41 -26.75
N ALA B 58 23.93 32.01 -26.96
CA ALA B 58 24.23 30.98 -27.94
C ALA B 58 23.43 29.70 -27.70
N THR B 59 23.37 29.25 -26.45
CA THR B 59 22.65 28.03 -26.12
C THR B 59 21.14 28.22 -26.19
N ALA B 60 20.66 29.39 -25.81
CA ALA B 60 19.24 29.68 -25.85
C ALA B 60 18.74 29.63 -27.28
N GLU B 61 19.63 29.91 -28.23
CA GLU B 61 19.27 29.91 -29.64
C GLU B 61 19.12 28.50 -30.23
N ARG B 62 19.70 27.49 -29.59
CA ARG B 62 19.58 26.14 -30.11
C ARG B 62 18.57 25.25 -29.37
N VAL B 63 18.06 25.71 -28.24
CA VAL B 63 17.10 24.92 -27.46
C VAL B 63 15.71 24.73 -28.10
N ARG B 64 15.12 23.55 -27.87
CA ARG B 64 13.80 23.19 -28.40
C ARG B 64 12.90 22.74 -27.25
N PRO B 65 11.57 22.66 -27.50
CA PRO B 65 10.63 22.23 -26.44
C PRO B 65 11.01 20.88 -25.83
N GLU B 66 10.73 20.74 -24.52
CA GLU B 66 10.99 19.53 -23.76
C GLU B 66 12.45 19.19 -23.44
N TRP B 67 13.39 20.01 -23.90
CA TRP B 67 14.79 19.78 -23.56
C TRP B 67 14.91 20.10 -22.06
N VAL B 68 15.78 19.37 -21.36
CA VAL B 68 16.01 19.59 -19.93
C VAL B 68 17.25 20.49 -19.83
N VAL B 69 17.15 21.56 -19.06
CA VAL B 69 18.26 22.50 -18.94
C VAL B 69 18.46 22.99 -17.50
N ARG B 70 19.62 23.59 -17.26
CA ARG B 70 19.93 24.17 -15.97
C ARG B 70 20.24 25.63 -16.31
N ALA B 71 19.55 26.55 -15.66
CA ALA B 71 19.74 27.97 -15.92
C ALA B 71 20.19 28.74 -14.68
N LYS B 72 21.02 29.77 -14.89
CA LYS B 72 21.50 30.62 -13.80
C LYS B 72 21.22 32.06 -14.21
N GLY B 73 20.74 32.88 -13.29
CA GLY B 73 20.45 34.25 -13.67
C GLY B 73 20.02 35.11 -12.50
N LEU B 74 19.68 36.37 -12.80
CA LEU B 74 19.25 37.33 -11.77
C LEU B 74 17.74 37.56 -11.90
N VAL B 75 17.02 37.48 -10.79
CA VAL B 75 15.58 37.71 -10.85
C VAL B 75 15.33 39.22 -10.90
N ARG B 76 14.46 39.65 -11.79
CA ARG B 76 14.14 41.07 -11.92
C ARG B 76 12.65 41.25 -12.23
N LEU B 77 12.10 42.42 -11.88
CA LEU B 77 10.70 42.69 -12.14
C LEU B 77 10.42 42.80 -13.63
N ARG B 78 9.27 42.28 -14.03
CA ARG B 78 8.86 42.31 -15.43
C ARG B 78 8.37 43.71 -15.80
N PRO B 79 8.72 44.18 -17.00
CA PRO B 79 8.25 45.50 -17.42
C PRO B 79 6.73 45.48 -17.56
N GLU B 80 6.18 44.29 -17.79
CA GLU B 80 4.75 44.08 -17.94
C GLU B 80 4.37 42.75 -17.29
N PRO B 81 3.54 42.79 -16.23
CA PRO B 81 3.09 41.60 -15.52
C PRO B 81 2.10 40.74 -16.31
N ASN B 82 2.19 39.43 -16.12
CA ASN B 82 1.30 38.49 -16.77
C ASN B 82 0.35 37.96 -15.70
N PRO B 83 -0.86 38.51 -15.64
CA PRO B 83 -1.93 38.17 -14.68
C PRO B 83 -2.64 36.83 -14.89
N ARG B 84 -1.90 35.74 -14.72
CA ARG B 84 -2.48 34.40 -14.86
C ARG B 84 -1.39 33.36 -14.63
N LEU B 85 -0.23 33.84 -14.23
CA LEU B 85 0.91 32.99 -13.90
C LEU B 85 1.31 33.47 -12.52
N ALA B 86 1.55 32.53 -11.61
CA ALA B 86 1.94 32.88 -10.25
C ALA B 86 3.25 33.66 -10.22
N THR B 87 4.12 33.41 -11.21
CA THR B 87 5.41 34.10 -11.29
C THR B 87 5.36 35.28 -12.26
N GLY B 88 4.15 35.58 -12.76
CA GLY B 88 3.95 36.65 -13.73
C GLY B 88 4.54 38.04 -13.53
N ARG B 89 4.92 38.39 -12.30
CA ARG B 89 5.48 39.72 -12.06
C ARG B 89 7.00 39.77 -12.24
N VAL B 90 7.65 38.60 -12.32
CA VAL B 90 9.09 38.56 -12.49
C VAL B 90 9.57 37.73 -13.70
N GLU B 91 10.87 37.81 -13.95
CA GLU B 91 11.52 37.08 -15.02
C GLU B 91 12.98 36.92 -14.61
N VAL B 92 13.69 36.04 -15.28
CA VAL B 92 15.08 35.77 -14.94
C VAL B 92 16.03 36.14 -16.07
N GLU B 93 16.90 37.12 -15.82
CA GLU B 93 17.88 37.54 -16.81
C GLU B 93 18.99 36.50 -16.74
N LEU B 94 19.17 35.75 -17.82
CA LEU B 94 20.17 34.70 -17.84
C LEU B 94 21.64 35.09 -17.90
N SER B 95 22.45 34.38 -17.12
CA SER B 95 23.88 34.59 -17.14
C SER B 95 24.49 33.31 -17.68
N ALA B 96 23.78 32.19 -17.51
CA ALA B 96 24.27 30.89 -18.00
C ALA B 96 23.11 29.91 -18.32
N LEU B 97 23.35 28.99 -19.24
CA LEU B 97 22.31 28.01 -19.60
C LEU B 97 23.02 26.78 -20.13
N GLU B 98 22.71 25.62 -19.56
CA GLU B 98 23.33 24.39 -19.99
C GLU B 98 22.31 23.31 -20.29
N VAL B 99 22.55 22.53 -21.36
CA VAL B 99 21.63 21.47 -21.76
C VAL B 99 21.98 20.15 -21.08
N LEU B 100 21.04 19.60 -20.32
CA LEU B 100 21.31 18.34 -19.62
C LEU B 100 20.83 17.15 -20.43
N ALA B 101 19.83 17.38 -21.26
CA ALA B 101 19.28 16.32 -22.10
C ALA B 101 18.43 16.92 -23.20
N GLU B 102 18.59 16.38 -24.41
CA GLU B 102 17.81 16.85 -25.55
C GLU B 102 16.59 15.95 -25.63
N ALA B 103 15.61 16.34 -26.42
CA ALA B 103 14.40 15.55 -26.53
C ALA B 103 13.83 15.59 -27.94
N LYS B 104 13.33 14.46 -28.42
CA LYS B 104 12.73 14.49 -29.73
C LYS B 104 11.31 15.01 -29.55
N THR B 105 10.64 15.30 -30.66
CA THR B 105 9.29 15.84 -30.65
C THR B 105 8.26 14.88 -30.08
N PRO B 106 7.47 15.34 -29.10
CA PRO B 106 6.42 14.56 -28.43
C PRO B 106 5.30 14.28 -29.44
N PRO B 107 4.61 13.14 -29.31
CA PRO B 107 3.50 12.75 -30.19
C PRO B 107 2.29 13.68 -30.02
N PHE B 108 2.22 14.38 -28.89
CA PHE B 108 1.12 15.32 -28.61
C PHE B 108 1.66 16.40 -27.65
N PRO B 109 1.07 17.62 -27.69
CA PRO B 109 1.54 18.71 -26.82
C PRO B 109 1.22 18.59 -25.34
N VAL B 110 2.13 19.07 -24.52
CA VAL B 110 1.91 19.01 -23.08
C VAL B 110 2.09 20.39 -22.48
N ASP B 111 2.30 21.40 -23.32
CA ASP B 111 2.58 22.76 -22.83
C ASP B 111 1.46 23.73 -22.45
N ALA B 112 0.31 23.60 -23.11
CA ALA B 112 -0.82 24.49 -22.92
C ALA B 112 -1.40 24.58 -21.51
N GLY B 113 -1.58 23.45 -20.85
CA GLY B 113 -2.15 23.44 -19.52
C GLY B 113 -1.39 24.31 -18.55
N TRP B 114 -0.07 24.32 -18.68
CA TRP B 114 0.76 25.11 -17.77
C TRP B 114 0.61 26.64 -17.90
N ARG B 115 0.01 27.08 -19.02
CA ARG B 115 -0.22 28.49 -19.32
C ARG B 115 -1.62 28.89 -18.89
N GLY B 116 -2.40 27.90 -18.47
CA GLY B 116 -3.77 28.16 -18.08
C GLY B 116 -4.69 28.04 -19.27
N GLU B 117 -4.15 27.65 -20.42
CA GLU B 117 -4.96 27.52 -21.64
C GLU B 117 -5.59 26.14 -21.74
N GLU B 118 -6.62 26.02 -22.56
CA GLU B 118 -7.31 24.74 -22.73
C GLU B 118 -6.47 23.84 -23.60
N GLU B 119 -6.45 22.55 -23.28
CA GLU B 119 -5.67 21.62 -24.08
C GLU B 119 -6.54 20.75 -24.97
N LYS B 120 -5.92 20.21 -26.01
CA LYS B 120 -6.61 19.32 -26.92
C LYS B 120 -6.00 17.95 -26.61
N GLU B 121 -6.69 17.17 -25.78
CA GLU B 121 -6.21 15.84 -25.40
C GLU B 121 -6.24 14.87 -26.57
N ALA B 122 -5.17 14.09 -26.72
CA ALA B 122 -5.07 13.11 -27.80
C ALA B 122 -5.88 11.89 -27.41
N SER B 123 -6.11 10.98 -28.36
CA SER B 123 -6.87 9.78 -28.08
C SER B 123 -6.28 9.06 -26.88
N GLU B 124 -7.12 8.35 -26.13
CA GLU B 124 -6.65 7.68 -24.94
C GLU B 124 -5.63 6.56 -25.17
N GLU B 125 -5.70 5.87 -26.31
CA GLU B 125 -4.74 4.82 -26.58
C GLU B 125 -3.33 5.42 -26.71
N LEU B 126 -3.25 6.62 -27.26
CA LEU B 126 -1.97 7.32 -27.42
C LEU B 126 -1.49 7.81 -26.05
N ARG B 127 -2.42 8.38 -25.27
CA ARG B 127 -2.06 8.87 -23.94
C ARG B 127 -1.50 7.71 -23.11
N LEU B 128 -2.12 6.55 -23.19
CA LEU B 128 -1.69 5.37 -22.43
C LEU B 128 -0.37 4.79 -22.96
N LYS B 129 -0.21 4.75 -24.28
CA LYS B 129 1.01 4.23 -24.86
C LYS B 129 2.20 5.10 -24.44
N TYR B 130 1.97 6.40 -24.26
CA TYR B 130 3.04 7.33 -23.85
C TYR B 130 2.63 7.99 -22.53
N ARG B 131 2.21 7.18 -21.57
CA ARG B 131 1.76 7.71 -20.28
C ARG B 131 2.74 8.65 -19.60
N TYR B 132 4.06 8.42 -19.77
CA TYR B 132 5.05 9.27 -19.11
C TYR B 132 5.09 10.71 -19.65
N LEU B 133 4.53 10.90 -20.83
CA LEU B 133 4.46 12.25 -21.41
C LEU B 133 3.08 12.82 -21.03
N ASP B 134 2.08 11.96 -20.92
CA ASP B 134 0.74 12.42 -20.56
C ASP B 134 0.80 12.98 -19.12
N LEU B 135 1.59 12.31 -18.27
CA LEU B 135 1.76 12.70 -16.89
C LEU B 135 2.55 14.02 -16.70
N ARG B 136 3.05 14.62 -17.79
CA ARG B 136 3.74 15.92 -17.72
C ARG B 136 2.71 17.06 -17.75
N ARG B 137 1.47 16.75 -18.13
CA ARG B 137 0.41 17.77 -18.22
C ARG B 137 -0.03 18.25 -16.83
N ARG B 138 -0.30 19.54 -16.71
CA ARG B 138 -0.70 20.11 -15.44
C ARG B 138 -1.86 19.38 -14.75
N ARG B 139 -2.96 19.16 -15.48
CA ARG B 139 -4.13 18.49 -14.92
C ARG B 139 -3.83 17.08 -14.37
N MET B 140 -2.97 16.32 -15.04
CA MET B 140 -2.64 14.99 -14.55
C MET B 140 -1.82 15.08 -13.25
N GLN B 141 -0.87 15.99 -13.18
CA GLN B 141 -0.08 16.12 -11.96
C GLN B 141 -0.96 16.61 -10.80
N GLU B 142 -1.91 17.50 -11.10
CA GLU B 142 -2.81 17.96 -10.04
C GLU B 142 -3.60 16.77 -9.49
N ASN B 143 -4.05 15.87 -10.36
CA ASN B 143 -4.81 14.70 -9.91
C ASN B 143 -3.96 13.79 -9.01
N LEU B 144 -2.72 13.52 -9.42
CA LEU B 144 -1.86 12.66 -8.61
C LEU B 144 -1.49 13.29 -7.28
N ARG B 145 -1.24 14.58 -7.26
CA ARG B 145 -0.88 15.24 -6.01
C ARG B 145 -2.11 15.29 -5.09
N LEU B 146 -3.30 15.45 -5.66
CA LEU B 146 -4.52 15.43 -4.85
C LEU B 146 -4.68 14.04 -4.23
N ARG B 147 -4.38 12.99 -5.01
CA ARG B 147 -4.50 11.63 -4.47
C ARG B 147 -3.54 11.46 -3.28
N HIS B 148 -2.34 12.03 -3.39
CA HIS B 148 -1.37 11.96 -2.29
C HIS B 148 -1.94 12.64 -1.03
N ARG B 149 -2.44 13.87 -1.19
CA ARG B 149 -3.01 14.64 -0.08
C ARG B 149 -4.17 13.93 0.61
N VAL B 150 -5.05 13.31 -0.19
CA VAL B 150 -6.18 12.57 0.35
C VAL B 150 -5.70 11.40 1.21
N ILE B 151 -4.75 10.60 0.72
CA ILE B 151 -4.28 9.45 1.48
C ILE B 151 -3.54 9.89 2.74
N LYS B 152 -2.74 10.96 2.64
CA LYS B 152 -2.03 11.47 3.82
C LYS B 152 -3.07 11.94 4.87
N ALA B 153 -4.14 12.61 4.42
CA ALA B 153 -5.20 13.09 5.34
C ALA B 153 -5.84 11.90 6.05
N ILE B 154 -6.08 10.83 5.29
CA ILE B 154 -6.66 9.62 5.89
C ILE B 154 -5.73 9.09 6.98
N TRP B 155 -4.43 8.98 6.70
CA TRP B 155 -3.52 8.50 7.71
C TRP B 155 -3.48 9.40 8.97
N ASP B 156 -3.47 10.72 8.79
CA ASP B 156 -3.41 11.63 9.95
C ASP B 156 -4.63 11.46 10.87
N PHE B 157 -5.81 11.44 10.28
CA PHE B 157 -7.05 11.29 11.05
C PHE B 157 -7.18 9.95 11.77
N LEU B 158 -7.00 8.85 11.04
CA LEU B 158 -7.16 7.54 11.67
C LEU B 158 -6.08 7.24 12.69
N ASP B 159 -4.85 7.72 12.47
CA ASP B 159 -3.78 7.50 13.42
C ASP B 159 -4.18 8.21 14.70
N ARG B 160 -4.74 9.41 14.55
CA ARG B 160 -5.18 10.22 15.68
C ARG B 160 -6.32 9.56 16.46
N GLU B 161 -7.18 8.83 15.76
CA GLU B 161 -8.30 8.13 16.39
C GLU B 161 -7.94 6.73 16.91
N GLY B 162 -6.66 6.39 16.91
CA GLY B 162 -6.24 5.08 17.42
C GLY B 162 -6.26 3.86 16.50
N PHE B 163 -6.41 4.07 15.20
CA PHE B 163 -6.43 2.95 14.27
C PHE B 163 -5.01 2.49 13.94
N VAL B 164 -4.86 1.18 13.76
CA VAL B 164 -3.58 0.57 13.42
C VAL B 164 -3.63 0.12 11.95
N GLN B 165 -2.69 0.60 11.14
CA GLN B 165 -2.61 0.20 9.74
C GLN B 165 -2.01 -1.20 9.69
N VAL B 166 -2.69 -2.14 9.06
CA VAL B 166 -2.15 -3.50 8.93
C VAL B 166 -2.15 -3.94 7.47
N GLU B 167 -0.99 -4.41 6.98
CA GLU B 167 -0.87 -4.88 5.60
C GLU B 167 -1.28 -6.36 5.52
N THR B 168 -2.22 -6.64 4.62
CA THR B 168 -2.82 -7.98 4.36
C THR B 168 -2.17 -8.74 3.19
N PRO B 169 -2.22 -10.09 3.22
CA PRO B 169 -1.61 -10.88 2.12
C PRO B 169 -2.14 -10.62 0.71
N PHE B 170 -1.27 -10.79 -0.28
CA PHE B 170 -1.64 -10.66 -1.69
C PHE B 170 -1.76 -12.04 -2.33
N LEU B 171 -1.09 -13.04 -1.77
CA LEU B 171 -1.19 -14.41 -2.29
C LEU B 171 -2.03 -15.17 -1.27
N THR B 172 -3.30 -15.42 -1.61
CA THR B 172 -4.23 -16.10 -0.72
C THR B 172 -4.91 -17.29 -1.38
N LYS B 173 -5.98 -17.77 -0.76
CA LYS B 173 -6.72 -18.91 -1.26
C LYS B 173 -7.86 -18.52 -2.20
N SER B 174 -8.07 -19.32 -3.24
CA SER B 174 -9.13 -19.08 -4.20
C SER B 174 -10.45 -19.59 -3.63
N THR B 175 -11.55 -18.93 -3.99
CA THR B 175 -12.87 -19.33 -3.51
C THR B 175 -13.79 -19.67 -4.68
N PRO B 176 -14.51 -20.81 -4.58
CA PRO B 176 -15.44 -21.28 -5.61
C PRO B 176 -16.50 -20.28 -6.08
N GLU B 177 -16.93 -19.40 -5.18
CA GLU B 177 -17.95 -18.42 -5.55
C GLU B 177 -17.75 -16.98 -5.06
N GLY B 178 -18.30 -16.07 -5.86
CA GLY B 178 -18.20 -14.64 -5.61
C GLY B 178 -17.96 -14.05 -6.97
N ALA B 179 -16.77 -13.53 -7.20
CA ALA B 179 -16.41 -12.99 -8.51
C ALA B 179 -15.27 -13.89 -8.96
N ARG B 180 -14.88 -13.80 -10.22
CA ARG B 180 -13.78 -14.65 -10.68
C ARG B 180 -12.46 -14.15 -10.12
N ASP B 181 -11.63 -15.07 -9.67
CA ASP B 181 -10.32 -14.75 -9.10
C ASP B 181 -9.23 -14.76 -10.17
N PHE B 182 -8.20 -13.96 -9.95
CA PHE B 182 -7.03 -13.95 -10.82
C PHE B 182 -6.18 -15.02 -10.11
N LEU B 183 -5.56 -15.92 -10.87
CA LEU B 183 -4.79 -16.98 -10.23
C LEU B 183 -3.28 -16.87 -10.46
N VAL B 184 -2.52 -17.48 -9.56
CA VAL B 184 -1.07 -17.48 -9.61
C VAL B 184 -0.57 -18.93 -9.41
N PRO B 185 0.07 -19.52 -10.43
CA PRO B 185 0.60 -20.90 -10.36
C PRO B 185 1.64 -21.12 -9.27
N TYR B 186 1.49 -22.22 -8.54
CA TYR B 186 2.45 -22.57 -7.50
C TYR B 186 3.45 -23.53 -8.16
N ARG B 187 4.65 -23.01 -8.42
CA ARG B 187 5.71 -23.75 -9.09
C ARG B 187 6.04 -25.14 -8.55
N HIS B 188 6.28 -25.23 -7.24
CA HIS B 188 6.64 -26.48 -6.60
C HIS B 188 5.64 -27.63 -6.66
N GLU B 189 4.42 -27.39 -7.10
CA GLU B 189 3.40 -28.45 -7.18
C GLU B 189 2.27 -28.11 -8.16
N PRO B 190 2.31 -28.71 -9.36
CA PRO B 190 1.30 -28.49 -10.39
C PRO B 190 -0.11 -28.71 -9.88
N GLY B 191 -1.06 -27.91 -10.36
CA GLY B 191 -2.43 -28.05 -9.93
C GLY B 191 -2.73 -27.18 -8.72
N LEU B 192 -1.69 -26.67 -8.08
CA LEU B 192 -1.85 -25.80 -6.91
C LEU B 192 -1.69 -24.34 -7.36
N PHE B 193 -2.61 -23.49 -6.90
CA PHE B 193 -2.59 -22.08 -7.26
C PHE B 193 -2.88 -21.15 -6.08
N TYR B 194 -2.33 -19.94 -6.15
CA TYR B 194 -2.62 -18.90 -5.17
C TYR B 194 -3.66 -18.08 -5.91
N ALA B 195 -4.43 -17.28 -5.18
CA ALA B 195 -5.40 -16.41 -5.79
C ALA B 195 -5.07 -15.00 -5.27
N LEU B 196 -5.26 -13.98 -6.11
CA LEU B 196 -5.03 -12.59 -5.69
C LEU B 196 -6.31 -12.25 -4.93
N PRO B 197 -6.24 -11.37 -3.90
CA PRO B 197 -7.41 -11.00 -3.11
C PRO B 197 -8.49 -10.12 -3.73
N GLN B 198 -9.75 -10.52 -3.59
CA GLN B 198 -10.85 -9.72 -4.10
C GLN B 198 -11.13 -8.64 -3.06
N SER B 199 -10.77 -8.91 -1.81
CA SER B 199 -10.93 -7.92 -0.73
C SER B 199 -10.27 -8.53 0.49
N PRO B 200 -9.83 -7.71 1.46
CA PRO B 200 -9.18 -8.19 2.69
C PRO B 200 -10.20 -8.60 3.76
N GLN B 201 -11.46 -8.69 3.36
CA GLN B 201 -12.55 -9.02 4.29
C GLN B 201 -12.26 -10.01 5.41
N LEU B 202 -11.89 -11.25 5.08
CA LEU B 202 -11.65 -12.23 6.13
C LEU B 202 -10.47 -11.90 7.04
N PHE B 203 -9.43 -11.29 6.47
CA PHE B 203 -8.29 -10.91 7.27
C PHE B 203 -8.61 -9.81 8.28
N LYS B 204 -9.35 -8.78 7.87
CA LYS B 204 -9.64 -7.72 8.83
C LYS B 204 -10.58 -8.22 9.93
N GLN B 205 -11.48 -9.15 9.62
CA GLN B 205 -12.32 -9.69 10.67
C GLN B 205 -11.44 -10.53 11.62
N MET B 206 -10.44 -11.25 11.11
CA MET B 206 -9.58 -12.04 11.99
C MET B 206 -8.70 -11.12 12.89
N LEU B 207 -8.43 -9.91 12.41
CA LEU B 207 -7.65 -8.93 13.16
C LEU B 207 -8.49 -8.43 14.35
N MET B 208 -9.82 -8.48 14.22
CA MET B 208 -10.71 -8.08 15.32
C MET B 208 -10.73 -9.25 16.32
N VAL B 209 -10.71 -10.49 15.81
CA VAL B 209 -10.68 -11.65 16.68
C VAL B 209 -9.35 -11.61 17.47
N ALA B 210 -8.30 -11.11 16.83
CA ALA B 210 -6.97 -11.02 17.44
C ALA B 210 -6.89 -9.91 18.49
N GLY B 211 -7.92 -9.07 18.59
CA GLY B 211 -7.89 -8.03 19.60
C GLY B 211 -7.28 -6.69 19.23
N LEU B 212 -7.13 -6.45 17.93
CA LEU B 212 -6.62 -5.16 17.48
C LEU B 212 -7.95 -4.41 17.35
N ASP B 213 -8.26 -3.61 18.34
CA ASP B 213 -9.50 -2.86 18.39
C ASP B 213 -10.01 -2.18 17.10
N ARG B 214 -9.10 -1.57 16.34
CA ARG B 214 -9.45 -0.87 15.13
C ARG B 214 -8.30 -0.88 14.12
N TYR B 215 -8.63 -1.20 12.88
CA TYR B 215 -7.68 -1.34 11.79
C TYR B 215 -8.08 -0.59 10.55
N PHE B 216 -7.08 -0.33 9.69
CA PHE B 216 -7.35 0.26 8.38
C PHE B 216 -6.21 -0.09 7.47
N GLN B 217 -6.47 0.05 6.17
CA GLN B 217 -5.49 -0.25 5.15
C GLN B 217 -5.95 0.38 3.84
N ILE B 218 -5.01 0.87 3.03
CA ILE B 218 -5.32 1.38 1.70
C ILE B 218 -4.95 0.09 0.93
N ALA B 219 -5.95 -0.73 0.67
CA ALA B 219 -5.75 -2.04 0.03
C ALA B 219 -6.01 -2.12 -1.46
N ARG B 220 -5.15 -2.86 -2.18
CA ARG B 220 -5.32 -3.08 -3.61
C ARG B 220 -6.18 -4.36 -3.73
N CYS B 221 -7.24 -4.32 -4.54
CA CYS B 221 -8.14 -5.46 -4.73
C CYS B 221 -8.12 -5.88 -6.21
N PHE B 222 -8.34 -7.18 -6.47
CA PHE B 222 -8.29 -7.74 -7.84
C PHE B 222 -9.51 -8.60 -8.15
N ARG B 223 -10.17 -8.28 -9.27
CA ARG B 223 -11.37 -8.99 -9.68
C ARG B 223 -11.36 -9.21 -11.20
N ASP B 224 -11.33 -10.46 -11.64
CA ASP B 224 -11.30 -10.76 -13.08
C ASP B 224 -12.73 -10.78 -13.60
N GLU B 225 -13.28 -9.60 -13.80
CA GLU B 225 -14.65 -9.43 -14.27
C GLU B 225 -14.70 -8.99 -15.71
N ASP B 226 -15.81 -9.28 -16.38
CA ASP B 226 -16.01 -8.89 -17.77
C ASP B 226 -16.44 -7.44 -17.74
N LEU B 227 -15.60 -6.61 -17.12
CA LEU B 227 -15.90 -5.19 -16.98
C LEU B 227 -15.45 -4.26 -18.09
N ARG B 228 -16.38 -3.40 -18.49
CA ARG B 228 -16.15 -2.39 -19.51
C ARG B 228 -16.78 -1.10 -18.98
N ALA B 229 -17.60 -1.25 -17.93
CA ALA B 229 -18.26 -0.13 -17.29
C ALA B 229 -17.28 0.71 -16.48
N ASP B 230 -16.19 1.10 -17.13
CA ASP B 230 -15.14 1.91 -16.50
C ASP B 230 -14.61 1.29 -15.21
N ARG B 231 -14.15 0.05 -15.32
CA ARG B 231 -13.58 -0.65 -14.18
C ARG B 231 -12.21 -1.21 -14.57
N GLN B 232 -11.34 -1.30 -13.59
CA GLN B 232 -9.98 -1.80 -13.81
C GLN B 232 -9.83 -3.20 -13.24
N PRO B 233 -8.87 -3.99 -13.74
CA PRO B 233 -8.71 -5.35 -13.23
C PRO B 233 -8.36 -5.35 -11.74
N ASP B 234 -7.69 -4.30 -11.28
CA ASP B 234 -7.39 -4.14 -9.85
C ASP B 234 -7.67 -2.67 -9.50
N PHE B 235 -8.12 -2.44 -8.28
CA PHE B 235 -8.50 -1.10 -7.82
C PHE B 235 -8.14 -0.93 -6.34
N THR B 236 -8.20 0.32 -5.86
CA THR B 236 -7.85 0.63 -4.48
C THR B 236 -9.03 0.95 -3.58
N GLN B 237 -8.98 0.43 -2.36
CA GLN B 237 -10.05 0.73 -1.40
C GLN B 237 -9.44 1.18 -0.07
N LEU B 238 -10.20 2.03 0.64
CA LEU B 238 -9.84 2.39 2.01
C LEU B 238 -10.62 1.30 2.73
N ASP B 239 -9.91 0.44 3.47
CA ASP B 239 -10.57 -0.66 4.17
C ASP B 239 -10.47 -0.33 5.66
N LEU B 240 -11.57 -0.55 6.40
CA LEU B 240 -11.58 -0.22 7.81
C LEU B 240 -12.49 -1.16 8.61
N GLU B 241 -12.08 -1.52 9.82
CA GLU B 241 -12.87 -2.41 10.69
C GLU B 241 -12.73 -1.96 12.15
N MET B 242 -13.79 -2.07 12.94
CA MET B 242 -13.75 -1.64 14.33
C MET B 242 -14.46 -2.64 15.22
N SER B 243 -14.08 -2.68 16.50
CA SER B 243 -14.69 -3.60 17.46
C SER B 243 -15.61 -2.91 18.48
N PHE B 244 -16.60 -3.65 18.98
CA PHE B 244 -17.54 -3.17 19.99
C PHE B 244 -18.29 -1.93 19.54
N VAL B 245 -18.73 -1.94 18.29
CA VAL B 245 -19.46 -0.81 17.72
C VAL B 245 -20.88 -1.15 17.28
N GLU B 246 -21.73 -0.13 17.19
CA GLU B 246 -23.08 -0.31 16.68
C GLU B 246 -23.05 0.48 15.37
N VAL B 247 -24.08 0.34 14.54
CA VAL B 247 -24.11 1.05 13.27
C VAL B 247 -23.74 2.53 13.41
N GLU B 248 -24.35 3.25 14.35
CA GLU B 248 -24.08 4.66 14.51
C GLU B 248 -22.63 5.05 14.81
N ASP B 249 -21.87 4.17 15.47
CA ASP B 249 -20.47 4.50 15.76
C ASP B 249 -19.69 4.51 14.43
N VAL B 250 -19.99 3.58 13.54
CA VAL B 250 -19.30 3.50 12.23
C VAL B 250 -19.63 4.70 11.35
N LEU B 251 -20.91 5.04 11.28
CA LEU B 251 -21.34 6.17 10.46
C LEU B 251 -20.72 7.50 10.92
N GLU B 252 -20.77 7.74 12.23
CA GLU B 252 -20.24 8.98 12.78
C GLU B 252 -18.73 9.12 12.53
N LEU B 253 -17.99 8.03 12.70
CA LEU B 253 -16.55 8.05 12.46
C LEU B 253 -16.24 8.35 11.00
N ASN B 254 -16.99 7.74 10.10
CA ASN B 254 -16.79 7.95 8.66
C ASN B 254 -17.16 9.36 8.20
N GLU B 255 -18.22 9.93 8.76
CA GLU B 255 -18.62 11.30 8.42
C GLU B 255 -17.52 12.27 8.82
N ARG B 256 -16.97 12.08 10.00
CA ARG B 256 -15.90 12.96 10.47
C ARG B 256 -14.62 12.76 9.63
N LEU B 257 -14.36 11.52 9.21
CA LEU B 257 -13.16 11.25 8.39
C LEU B 257 -13.32 11.94 7.04
N MET B 258 -14.48 11.75 6.43
CA MET B 258 -14.76 12.35 5.12
C MET B 258 -14.72 13.89 5.14
N ALA B 259 -15.20 14.51 6.23
CA ALA B 259 -15.18 15.97 6.35
C ALA B 259 -13.74 16.43 6.49
N HIS B 260 -12.93 15.63 7.19
CA HIS B 260 -11.52 15.95 7.36
C HIS B 260 -10.80 15.88 5.99
N VAL B 261 -11.05 14.81 5.23
CA VAL B 261 -10.42 14.64 3.91
C VAL B 261 -10.77 15.82 2.97
N PHE B 262 -12.05 16.18 2.88
CA PHE B 262 -12.47 17.28 2.00
C PHE B 262 -11.92 18.65 2.43
N ARG B 263 -11.79 18.85 3.74
CA ARG B 263 -11.27 20.12 4.27
C ARG B 263 -9.79 20.25 3.94
N GLU B 264 -9.02 19.20 4.21
CA GLU B 264 -7.58 19.20 3.93
C GLU B 264 -7.21 19.17 2.47
N ALA B 265 -7.94 18.39 1.68
CA ALA B 265 -7.64 18.21 0.26
C ALA B 265 -8.19 19.25 -0.69
N LEU B 266 -9.45 19.61 -0.49
CA LEU B 266 -10.10 20.58 -1.37
C LEU B 266 -10.39 21.92 -0.70
N GLY B 267 -10.29 21.95 0.62
CA GLY B 267 -10.59 23.18 1.32
C GLY B 267 -12.09 23.42 1.28
N VAL B 268 -12.86 22.33 1.28
CA VAL B 268 -14.32 22.38 1.26
C VAL B 268 -14.90 21.91 2.59
N GLU B 269 -15.88 22.65 3.12
CA GLU B 269 -16.50 22.32 4.38
C GLU B 269 -17.80 21.58 4.15
N LEU B 270 -17.88 20.33 4.59
CA LEU B 270 -19.09 19.53 4.41
C LEU B 270 -19.98 19.64 5.63
N PRO B 271 -21.29 19.79 5.42
CA PRO B 271 -22.17 19.88 6.58
C PRO B 271 -22.44 18.50 7.20
N LEU B 272 -22.36 18.40 8.52
CA LEU B 272 -22.61 17.15 9.22
C LEU B 272 -23.81 17.29 10.17
N PRO B 273 -24.54 16.19 10.42
CA PRO B 273 -24.28 14.85 9.87
C PRO B 273 -24.84 14.74 8.45
N PHE B 274 -24.55 13.62 7.79
CA PHE B 274 -25.07 13.40 6.44
C PHE B 274 -26.51 12.92 6.58
N PRO B 275 -27.36 13.17 5.58
CA PRO B 275 -28.73 12.67 5.74
C PRO B 275 -28.68 11.14 5.72
N ARG B 276 -29.64 10.51 6.36
CA ARG B 276 -29.73 9.05 6.41
C ARG B 276 -31.12 8.64 5.92
N LEU B 277 -31.18 7.83 4.87
CA LEU B 277 -32.48 7.37 4.35
C LEU B 277 -32.55 5.85 4.36
N SER B 278 -33.70 5.29 4.71
CA SER B 278 -33.83 3.84 4.70
C SER B 278 -34.04 3.46 3.25
N TYR B 279 -33.70 2.22 2.93
CA TYR B 279 -33.84 1.69 1.58
C TYR B 279 -35.25 1.97 1.03
N GLU B 280 -36.27 1.72 1.84
CA GLU B 280 -37.65 1.93 1.42
C GLU B 280 -37.92 3.40 1.13
N GLU B 281 -37.49 4.27 2.04
CA GLU B 281 -37.68 5.70 1.90
C GLU B 281 -37.00 6.25 0.63
N ALA B 282 -35.82 5.71 0.31
CA ALA B 282 -35.07 6.14 -0.86
C ALA B 282 -35.75 5.70 -2.15
N MET B 283 -36.29 4.48 -2.16
CA MET B 283 -36.96 3.95 -3.33
C MET B 283 -38.26 4.73 -3.61
N GLU B 284 -38.99 5.06 -2.56
CA GLU B 284 -40.26 5.77 -2.69
C GLU B 284 -40.12 7.24 -3.06
N ARG B 285 -39.10 7.89 -2.52
CA ARG B 285 -38.92 9.31 -2.81
C ARG B 285 -38.10 9.60 -4.06
N TYR B 286 -37.14 8.74 -4.39
CA TYR B 286 -36.30 8.97 -5.56
C TYR B 286 -36.21 7.84 -6.56
N GLY B 287 -36.84 6.71 -6.24
CA GLY B 287 -36.81 5.57 -7.15
C GLY B 287 -35.44 4.94 -7.31
N SER B 288 -34.57 5.10 -6.32
CA SER B 288 -33.22 4.55 -6.43
C SER B 288 -32.56 4.33 -5.06
N ASP B 289 -31.70 3.32 -4.97
CA ASP B 289 -30.98 3.05 -3.72
C ASP B 289 -29.68 3.85 -3.68
N LYS B 290 -29.45 4.67 -4.70
CA LYS B 290 -28.27 5.53 -4.73
C LYS B 290 -28.73 6.90 -5.25
N PRO B 291 -29.64 7.56 -4.52
CA PRO B 291 -30.20 8.86 -4.87
C PRO B 291 -29.21 10.00 -5.07
N ASP B 292 -29.49 10.83 -6.07
CA ASP B 292 -28.69 12.02 -6.35
C ASP B 292 -29.52 13.17 -5.74
N LEU B 293 -29.01 13.77 -4.67
CA LEU B 293 -29.71 14.85 -3.97
C LEU B 293 -29.33 16.28 -4.36
N ARG B 294 -28.61 16.44 -5.46
CA ARG B 294 -28.23 17.78 -5.91
C ARG B 294 -29.40 18.56 -6.49
N PHE B 295 -30.55 17.90 -6.62
CA PHE B 295 -31.76 18.56 -7.11
C PHE B 295 -32.97 17.89 -6.46
N GLY B 296 -34.12 18.56 -6.51
CA GLY B 296 -35.32 18.03 -5.89
C GLY B 296 -36.10 17.01 -6.69
N LEU B 297 -37.17 17.43 -7.36
CA LEU B 297 -38.02 16.55 -8.19
C LEU B 297 -38.35 15.22 -7.51
N GLU B 298 -38.83 15.30 -6.28
CA GLU B 298 -39.20 14.10 -5.53
C GLU B 298 -40.44 13.41 -6.12
N LEU B 299 -40.47 12.09 -6.02
CA LEU B 299 -41.60 11.34 -6.53
C LEU B 299 -42.76 11.38 -5.51
N LYS B 300 -43.99 11.40 -6.02
CA LYS B 300 -45.19 11.42 -5.19
C LYS B 300 -46.12 10.25 -5.51
N GLU B 301 -46.67 9.62 -4.47
CA GLU B 301 -47.62 8.53 -4.67
C GLU B 301 -48.99 9.18 -4.75
N VAL B 302 -49.69 8.96 -5.87
CA VAL B 302 -51.03 9.56 -6.06
C VAL B 302 -52.08 8.49 -6.39
N GLY B 303 -51.68 7.23 -6.32
CA GLY B 303 -52.60 6.14 -6.60
C GLY B 303 -53.90 6.23 -5.81
N PRO B 304 -53.86 6.59 -4.51
CA PRO B 304 -55.08 6.69 -3.70
C PRO B 304 -56.12 7.66 -4.26
N LEU B 305 -55.66 8.79 -4.80
CA LEU B 305 -56.55 9.79 -5.36
C LEU B 305 -57.36 9.30 -6.55
N PHE B 306 -57.05 8.11 -7.06
CA PHE B 306 -57.78 7.64 -8.24
C PHE B 306 -58.82 6.53 -8.12
N ARG B 307 -58.99 5.92 -6.95
CA ARG B 307 -60.02 4.88 -6.89
C ARG B 307 -61.27 5.27 -6.13
N GLN B 308 -62.13 6.00 -6.85
CA GLN B 308 -63.42 6.48 -6.35
C GLN B 308 -64.03 6.95 -7.66
N SER B 309 -63.13 7.31 -8.56
CA SER B 309 -63.46 7.77 -9.90
C SER B 309 -63.21 6.56 -10.80
N GLY B 310 -62.34 6.70 -11.78
CA GLY B 310 -62.08 5.55 -12.63
C GLY B 310 -61.44 5.73 -14.00
N PHE B 311 -60.12 5.60 -14.04
CA PHE B 311 -59.37 5.68 -15.29
C PHE B 311 -58.61 4.37 -15.36
N ARG B 312 -59.11 3.44 -16.18
CA ARG B 312 -58.51 2.12 -16.36
C ARG B 312 -57.11 1.94 -15.78
N VAL B 313 -56.10 2.26 -16.59
CA VAL B 313 -54.70 2.13 -16.21
C VAL B 313 -54.39 2.53 -14.76
N PHE B 314 -54.91 3.68 -14.34
CA PHE B 314 -54.64 4.20 -13.01
C PHE B 314 -55.25 3.47 -11.81
N GLN B 315 -55.89 2.32 -12.02
CA GLN B 315 -56.45 1.61 -10.89
C GLN B 315 -56.10 0.13 -10.78
N GLU B 316 -55.85 -0.51 -11.91
CA GLU B 316 -55.46 -1.91 -11.88
C GLU B 316 -54.07 -1.94 -11.23
N ALA B 317 -53.40 -0.79 -11.24
CA ALA B 317 -52.08 -0.65 -10.66
C ALA B 317 -52.18 -0.32 -9.18
N GLU B 318 -51.36 -0.99 -8.37
CA GLU B 318 -51.35 -0.76 -6.94
C GLU B 318 -50.71 0.58 -6.64
N SER B 319 -49.93 1.07 -7.60
CA SER B 319 -49.24 2.34 -7.41
C SER B 319 -49.24 3.23 -8.64
N VAL B 320 -49.35 4.53 -8.38
CA VAL B 320 -49.31 5.56 -9.41
C VAL B 320 -48.36 6.62 -8.85
N LYS B 321 -47.18 6.73 -9.46
CA LYS B 321 -46.19 7.71 -9.03
C LYS B 321 -46.26 8.93 -9.92
N ALA B 322 -46.12 10.10 -9.33
CA ALA B 322 -46.16 11.33 -10.13
C ALA B 322 -44.92 12.17 -9.89
N LEU B 323 -44.59 12.97 -10.91
CA LEU B 323 -43.44 13.87 -10.87
C LEU B 323 -43.85 15.19 -11.50
N ALA B 324 -43.57 16.28 -10.80
CA ALA B 324 -43.90 17.61 -11.30
C ALA B 324 -42.66 18.35 -11.81
N LEU B 325 -42.56 18.53 -13.13
CA LEU B 325 -41.44 19.23 -13.74
C LEU B 325 -41.73 20.73 -13.90
N PRO B 326 -40.79 21.59 -13.48
CA PRO B 326 -40.95 23.03 -13.58
C PRO B 326 -40.78 23.60 -14.99
N LYS B 327 -41.37 22.93 -15.98
CA LYS B 327 -41.26 23.39 -17.36
C LYS B 327 -42.31 22.73 -18.24
N ALA B 328 -42.78 23.47 -19.23
CA ALA B 328 -43.78 22.95 -20.18
C ALA B 328 -43.00 22.18 -21.23
N LEU B 329 -43.07 20.85 -21.17
CA LEU B 329 -42.33 20.00 -22.11
C LEU B 329 -42.89 19.99 -23.53
N SER B 330 -42.02 19.66 -24.49
CA SER B 330 -42.41 19.56 -25.89
C SER B 330 -42.70 18.09 -26.13
N ARG B 331 -43.33 17.78 -27.26
CA ARG B 331 -43.66 16.39 -27.58
C ARG B 331 -42.42 15.51 -27.71
N LYS B 332 -41.33 16.09 -28.17
CA LYS B 332 -40.09 15.35 -28.36
C LYS B 332 -39.48 15.04 -26.99
N GLU B 333 -39.55 16.00 -26.09
CA GLU B 333 -39.01 15.80 -24.74
C GLU B 333 -39.79 14.71 -24.01
N VAL B 334 -41.10 14.68 -24.20
CA VAL B 334 -41.96 13.69 -23.57
C VAL B 334 -41.63 12.30 -24.11
N ALA B 335 -41.48 12.21 -25.44
CA ALA B 335 -41.18 10.94 -26.08
C ALA B 335 -39.84 10.37 -25.62
N GLU B 336 -38.86 11.25 -25.40
CA GLU B 336 -37.56 10.79 -24.95
C GLU B 336 -37.69 10.20 -23.54
N LEU B 337 -38.43 10.88 -22.67
CA LEU B 337 -38.63 10.40 -21.30
C LEU B 337 -39.43 9.11 -21.27
N GLU B 338 -40.32 8.93 -22.23
CA GLU B 338 -41.12 7.72 -22.28
C GLU B 338 -40.26 6.52 -22.63
N GLU B 339 -39.21 6.75 -23.40
CA GLU B 339 -38.30 5.70 -23.80
C GLU B 339 -37.56 5.21 -22.55
N VAL B 340 -37.10 6.14 -21.74
CA VAL B 340 -36.39 5.80 -20.51
C VAL B 340 -37.28 4.95 -19.60
N ALA B 341 -38.54 5.35 -19.48
CA ALA B 341 -39.51 4.63 -18.64
C ALA B 341 -39.70 3.19 -19.10
N LYS B 342 -39.78 3.01 -20.42
CA LYS B 342 -39.97 1.69 -21.00
C LYS B 342 -38.72 0.82 -20.87
N ARG B 343 -37.55 1.46 -20.86
CA ARG B 343 -36.30 0.73 -20.73
C ARG B 343 -36.35 -0.05 -19.41
N HIS B 344 -36.83 0.61 -18.36
CA HIS B 344 -36.96 -0.01 -17.05
C HIS B 344 -38.32 -0.68 -16.98
N LYS B 345 -38.62 -1.39 -18.06
CA LYS B 345 -39.86 -2.13 -18.27
C LYS B 345 -41.11 -1.65 -17.54
N ALA B 346 -41.62 -0.51 -18.00
CA ALA B 346 -42.84 0.08 -17.48
C ALA B 346 -43.67 0.18 -18.76
N GLN B 347 -44.98 -0.07 -18.68
CA GLN B 347 -45.82 -0.04 -19.88
C GLN B 347 -45.88 1.29 -20.62
N GLY B 348 -45.70 2.40 -19.90
CA GLY B 348 -45.74 3.69 -20.56
C GLY B 348 -45.64 4.89 -19.65
N LEU B 349 -45.59 6.07 -20.27
CA LEU B 349 -45.50 7.31 -19.53
C LEU B 349 -46.71 8.20 -19.86
N ALA B 350 -47.48 8.55 -18.83
CA ALA B 350 -48.64 9.41 -19.02
C ALA B 350 -48.23 10.81 -18.64
N TRP B 351 -48.83 11.82 -19.27
CA TRP B 351 -48.49 13.19 -18.97
C TRP B 351 -49.65 14.17 -19.16
N ALA B 352 -49.48 15.37 -18.63
CA ALA B 352 -50.48 16.42 -18.76
C ALA B 352 -49.86 17.74 -18.35
N ARG B 353 -50.16 18.80 -19.08
CA ARG B 353 -49.62 20.12 -18.74
C ARG B 353 -50.53 20.78 -17.71
N VAL B 354 -49.94 21.55 -16.81
CA VAL B 354 -50.69 22.24 -15.77
C VAL B 354 -50.88 23.71 -16.15
N GLU B 355 -52.07 24.06 -16.60
CA GLU B 355 -52.37 25.43 -17.00
C GLU B 355 -53.16 26.11 -15.89
N GLU B 356 -53.49 27.37 -16.10
CA GLU B 356 -54.26 28.13 -15.11
C GLU B 356 -55.68 27.57 -15.02
N GLY B 357 -56.01 26.95 -13.91
CA GLY B 357 -57.34 26.39 -13.72
C GLY B 357 -57.70 25.20 -14.60
N GLY B 358 -56.75 24.26 -14.78
CA GLY B 358 -57.03 23.11 -15.61
C GLY B 358 -55.79 22.44 -16.17
N PHE B 359 -55.99 21.33 -16.89
CA PHE B 359 -54.88 20.60 -17.49
C PHE B 359 -55.07 20.54 -19.00
N SER B 360 -53.98 20.23 -19.71
CA SER B 360 -54.00 20.13 -21.17
C SER B 360 -53.10 19.00 -21.67
N GLY B 361 -53.49 18.43 -22.80
CA GLY B 361 -52.73 17.34 -23.39
C GLY B 361 -52.68 16.08 -22.57
N GLY B 362 -52.24 15.00 -23.20
CA GLY B 362 -52.11 13.73 -22.52
C GLY B 362 -53.40 13.23 -21.87
N VAL B 363 -53.30 12.87 -20.59
CA VAL B 363 -54.44 12.35 -19.84
C VAL B 363 -55.19 13.43 -19.07
N ALA B 364 -55.09 14.68 -19.52
CA ALA B 364 -55.74 15.80 -18.85
C ALA B 364 -57.21 15.58 -18.48
N LYS B 365 -58.00 15.00 -19.40
CA LYS B 365 -59.42 14.82 -19.11
C LYS B 365 -59.72 13.96 -17.88
N PHE B 366 -58.80 13.05 -17.53
CA PHE B 366 -59.00 12.19 -16.38
C PHE B 366 -58.52 12.84 -15.08
N LEU B 367 -57.80 13.95 -15.21
CA LEU B 367 -57.26 14.65 -14.06
C LEU B 367 -58.20 15.72 -13.51
N GLU B 368 -58.99 16.32 -14.40
CA GLU B 368 -59.92 17.37 -13.99
C GLU B 368 -60.81 17.01 -12.78
N PRO B 369 -61.34 15.77 -12.73
CA PRO B 369 -62.19 15.35 -11.61
C PRO B 369 -61.48 15.25 -10.26
N VAL B 370 -60.16 15.44 -10.23
CA VAL B 370 -59.39 15.39 -8.98
C VAL B 370 -58.37 16.53 -8.90
N ARG B 371 -58.53 17.52 -9.77
CA ARG B 371 -57.62 18.66 -9.86
C ARG B 371 -57.07 19.21 -8.54
N GLU B 372 -57.97 19.61 -7.64
CA GLU B 372 -57.61 20.17 -6.34
C GLU B 372 -56.71 19.26 -5.50
N ALA B 373 -57.16 18.03 -5.31
CA ALA B 373 -56.41 17.06 -4.52
C ALA B 373 -55.05 16.71 -5.14
N LEU B 374 -54.99 16.69 -6.47
CA LEU B 374 -53.76 16.36 -7.19
C LEU B 374 -52.73 17.48 -7.05
N LEU B 375 -53.18 18.72 -7.21
CA LEU B 375 -52.28 19.86 -7.11
C LEU B 375 -51.65 20.00 -5.74
N GLN B 376 -52.34 19.52 -4.71
CA GLN B 376 -51.81 19.59 -3.35
C GLN B 376 -50.75 18.50 -3.15
N ALA B 377 -51.12 17.27 -3.48
CA ALA B 377 -50.20 16.13 -3.34
C ALA B 377 -48.90 16.35 -4.12
N THR B 378 -48.99 16.92 -5.31
CA THR B 378 -47.81 17.15 -6.15
C THR B 378 -47.20 18.54 -6.01
N GLU B 379 -47.96 19.48 -5.47
CA GLU B 379 -47.49 20.85 -5.29
C GLU B 379 -47.15 21.51 -6.62
N ALA B 380 -47.75 21.03 -7.70
CA ALA B 380 -47.50 21.59 -9.02
C ALA B 380 -48.17 22.94 -9.20
N ARG B 381 -47.57 23.78 -10.03
CA ARG B 381 -48.10 25.11 -10.30
C ARG B 381 -48.30 25.28 -11.80
N PRO B 382 -49.03 26.32 -12.22
CA PRO B 382 -49.25 26.55 -13.65
C PRO B 382 -47.92 26.66 -14.39
N GLY B 383 -47.85 26.03 -15.55
CA GLY B 383 -46.61 26.06 -16.31
C GLY B 383 -45.83 24.76 -16.19
N ASP B 384 -46.10 24.00 -15.13
CA ASP B 384 -45.42 22.72 -14.92
C ASP B 384 -46.00 21.61 -15.76
N THR B 385 -45.29 20.50 -15.84
CA THR B 385 -45.76 19.34 -16.57
C THR B 385 -45.75 18.17 -15.61
N LEU B 386 -46.86 17.42 -15.59
CA LEU B 386 -46.99 16.26 -14.72
C LEU B 386 -46.70 14.99 -15.51
N LEU B 387 -45.93 14.08 -14.90
CA LEU B 387 -45.62 12.80 -15.53
C LEU B 387 -46.08 11.71 -14.57
N PHE B 388 -46.60 10.60 -15.10
CA PHE B 388 -47.07 9.49 -14.27
C PHE B 388 -46.61 8.13 -14.79
N VAL B 389 -46.44 7.21 -13.85
CA VAL B 389 -46.10 5.84 -14.19
C VAL B 389 -46.94 4.98 -13.27
N ALA B 390 -47.78 4.13 -13.86
CA ALA B 390 -48.66 3.25 -13.09
C ALA B 390 -48.26 1.79 -13.28
N GLY B 391 -48.31 1.03 -12.18
CA GLY B 391 -47.95 -0.38 -12.25
C GLY B 391 -47.49 -0.90 -10.90
N PRO B 392 -46.72 -2.00 -10.85
CA PRO B 392 -46.24 -2.56 -9.58
C PRO B 392 -45.42 -1.48 -8.84
N ARG B 393 -45.62 -1.35 -7.54
CA ARG B 393 -44.93 -0.35 -6.74
C ARG B 393 -43.42 -0.24 -7.04
N LYS B 394 -42.75 -1.37 -7.24
CA LYS B 394 -41.32 -1.38 -7.51
C LYS B 394 -40.98 -0.91 -8.92
N VAL B 395 -41.80 -1.30 -9.89
CA VAL B 395 -41.61 -0.91 -11.28
C VAL B 395 -41.87 0.59 -11.47
N ALA B 396 -42.95 1.07 -10.88
CA ALA B 396 -43.34 2.47 -10.99
C ALA B 396 -42.26 3.40 -10.44
N ALA B 397 -41.77 3.08 -9.25
CA ALA B 397 -40.75 3.89 -8.59
C ALA B 397 -39.44 3.89 -9.36
N THR B 398 -38.95 2.69 -9.70
CA THR B 398 -37.71 2.56 -10.44
C THR B 398 -37.78 3.27 -11.79
N ALA B 399 -38.87 3.04 -12.52
CA ALA B 399 -39.03 3.67 -13.83
C ALA B 399 -39.07 5.19 -13.73
N LEU B 400 -39.91 5.73 -12.85
CA LEU B 400 -39.96 7.19 -12.71
C LEU B 400 -38.67 7.72 -12.12
N GLY B 401 -37.95 6.86 -11.42
CA GLY B 401 -36.69 7.26 -10.82
C GLY B 401 -35.72 7.59 -11.93
N ALA B 402 -35.70 6.75 -12.95
CA ALA B 402 -34.84 6.92 -14.10
C ALA B 402 -35.26 8.16 -14.89
N VAL B 403 -36.56 8.42 -14.94
CA VAL B 403 -37.06 9.59 -15.65
C VAL B 403 -36.59 10.86 -14.96
N ARG B 404 -36.65 10.88 -13.64
CA ARG B 404 -36.23 12.04 -12.84
C ARG B 404 -34.77 12.45 -13.18
N LEU B 405 -33.90 11.45 -13.29
CA LEU B 405 -32.49 11.69 -13.63
C LEU B 405 -32.33 12.26 -15.04
N ARG B 406 -32.90 11.58 -16.02
CA ARG B 406 -32.82 12.05 -17.41
C ARG B 406 -33.45 13.45 -17.54
N ALA B 407 -34.50 13.69 -16.76
CA ALA B 407 -35.20 14.97 -16.78
C ALA B 407 -34.28 16.09 -16.32
N ALA B 408 -33.41 15.78 -15.37
CA ALA B 408 -32.49 16.79 -14.86
C ALA B 408 -31.59 17.31 -15.97
N ASP B 409 -31.24 16.46 -16.92
CA ASP B 409 -30.40 16.86 -18.04
C ASP B 409 -31.16 17.76 -19.01
N LEU B 410 -32.28 17.27 -19.52
CA LEU B 410 -33.09 18.02 -20.49
C LEU B 410 -33.39 19.41 -19.99
N LEU B 411 -33.74 19.50 -18.73
CA LEU B 411 -34.08 20.79 -18.17
C LEU B 411 -32.83 21.62 -17.89
N GLY B 412 -31.67 20.97 -17.95
CA GLY B 412 -30.44 21.68 -17.68
C GLY B 412 -30.39 22.19 -16.26
N LEU B 413 -30.94 21.43 -15.32
CA LEU B 413 -30.94 21.84 -13.92
C LEU B 413 -29.50 21.94 -13.43
N LYS B 414 -29.28 22.76 -12.41
CA LYS B 414 -27.94 22.96 -11.86
C LYS B 414 -27.62 21.90 -10.81
N ARG B 415 -26.71 21.00 -11.15
CA ARG B 415 -26.30 19.94 -10.25
C ARG B 415 -24.85 20.16 -9.85
N GLU B 416 -24.63 20.94 -8.80
CA GLU B 416 -23.28 21.22 -8.35
C GLU B 416 -23.11 20.97 -6.85
N GLY B 417 -21.87 20.82 -6.41
CA GLY B 417 -21.63 20.57 -5.00
C GLY B 417 -21.47 19.09 -4.72
N PHE B 418 -21.29 18.73 -3.45
CA PHE B 418 -21.12 17.35 -3.06
C PHE B 418 -22.21 16.96 -2.06
N ARG B 419 -23.16 16.15 -2.49
CA ARG B 419 -24.22 15.73 -1.59
C ARG B 419 -24.04 14.27 -1.19
N PHE B 420 -23.61 14.07 0.04
CA PHE B 420 -23.43 12.74 0.59
C PHE B 420 -24.68 12.33 1.34
N LEU B 421 -24.90 11.02 1.46
CA LEU B 421 -26.00 10.47 2.24
C LEU B 421 -25.77 9.00 2.48
N TRP B 422 -26.35 8.51 3.57
CA TRP B 422 -26.27 7.10 3.93
C TRP B 422 -27.61 6.46 3.60
N VAL B 423 -27.57 5.27 3.01
CA VAL B 423 -28.77 4.52 2.74
C VAL B 423 -28.62 3.32 3.68
N VAL B 424 -29.59 3.14 4.57
CA VAL B 424 -29.56 2.09 5.57
C VAL B 424 -30.80 1.18 5.53
N ASP B 425 -30.80 0.19 6.42
CA ASP B 425 -31.90 -0.76 6.56
C ASP B 425 -32.22 -1.54 5.29
N PHE B 426 -31.19 -2.03 4.61
CA PHE B 426 -31.44 -2.83 3.40
C PHE B 426 -31.94 -4.18 3.88
N PRO B 427 -32.58 -4.96 2.99
CA PRO B 427 -33.08 -6.28 3.39
C PRO B 427 -31.85 -7.20 3.45
N LEU B 428 -31.94 -8.28 4.20
CA LEU B 428 -30.82 -9.21 4.32
C LEU B 428 -30.65 -10.14 3.12
N LEU B 429 -31.76 -10.65 2.59
CA LEU B 429 -31.72 -11.57 1.45
C LEU B 429 -32.22 -10.96 0.14
N GLU B 430 -31.69 -11.45 -0.98
CA GLU B 430 -32.03 -10.96 -2.31
C GLU B 430 -33.18 -11.68 -3.01
N TRP B 431 -33.36 -11.35 -4.30
CA TRP B 431 -34.41 -11.93 -5.15
C TRP B 431 -34.09 -13.40 -5.49
N ASP B 432 -34.49 -14.36 -4.67
CA ASP B 432 -34.20 -15.74 -5.02
C ASP B 432 -35.35 -16.34 -5.85
N GLU B 433 -36.27 -15.47 -6.25
CA GLU B 433 -37.42 -15.87 -7.05
C GLU B 433 -38.36 -16.86 -6.34
N GLU B 434 -39.14 -17.60 -7.12
CA GLU B 434 -40.11 -18.54 -6.57
C GLU B 434 -39.81 -20.05 -6.49
N GLU B 435 -38.69 -20.52 -7.04
CA GLU B 435 -38.42 -21.94 -6.95
C GLU B 435 -38.11 -22.38 -5.53
N GLU B 436 -37.01 -21.90 -4.96
CA GLU B 436 -36.64 -22.30 -3.61
C GLU B 436 -36.07 -21.27 -2.63
N ALA B 437 -34.93 -21.59 -2.04
CA ALA B 437 -34.27 -20.74 -1.03
C ALA B 437 -33.68 -19.40 -1.47
N TRP B 438 -33.58 -18.49 -0.51
CA TRP B 438 -33.05 -17.15 -0.73
C TRP B 438 -31.54 -17.13 -0.93
N THR B 439 -31.01 -15.92 -1.13
CA THR B 439 -29.58 -15.70 -1.31
C THR B 439 -29.24 -14.39 -0.61
N TYR B 440 -27.95 -14.11 -0.43
CA TYR B 440 -27.54 -12.89 0.26
C TYR B 440 -27.48 -11.68 -0.68
N MET B 441 -27.77 -10.50 -0.14
CA MET B 441 -27.76 -9.27 -0.92
C MET B 441 -26.48 -8.48 -0.65
N HIS B 442 -25.82 -8.81 0.45
CA HIS B 442 -24.58 -8.13 0.82
C HIS B 442 -23.44 -9.14 0.84
N HIS B 443 -23.32 -9.87 1.94
CA HIS B 443 -22.28 -10.88 2.09
C HIS B 443 -22.70 -11.77 3.24
N PRO B 444 -22.43 -13.08 3.14
CA PRO B 444 -22.78 -14.09 4.15
C PRO B 444 -22.54 -13.69 5.60
N PHE B 445 -21.56 -12.83 5.83
CA PHE B 445 -21.25 -12.43 7.20
C PHE B 445 -21.96 -11.18 7.70
N THR B 446 -22.90 -10.66 6.92
CA THR B 446 -23.65 -9.47 7.32
C THR B 446 -24.69 -9.83 8.38
N SER B 447 -24.69 -9.07 9.47
CA SER B 447 -25.61 -9.32 10.56
C SER B 447 -27.04 -8.84 10.30
N PRO B 448 -28.02 -9.72 10.53
CA PRO B 448 -29.39 -9.25 10.30
C PRO B 448 -29.73 -8.37 11.50
N HIS B 449 -30.73 -7.51 11.37
CA HIS B 449 -31.13 -6.65 12.47
C HIS B 449 -31.52 -7.57 13.63
N PRO B 450 -31.11 -7.21 14.85
CA PRO B 450 -31.43 -8.02 16.03
C PRO B 450 -32.93 -8.18 16.30
N GLU B 451 -33.67 -7.08 16.30
CA GLU B 451 -35.11 -7.15 16.55
C GLU B 451 -35.84 -7.98 15.51
N ASP B 452 -35.20 -8.20 14.37
CA ASP B 452 -35.81 -8.99 13.30
C ASP B 452 -35.37 -10.44 13.36
N LEU B 453 -34.54 -10.76 14.35
CA LEU B 453 -34.01 -12.12 14.52
C LEU B 453 -35.04 -13.24 14.40
N PRO B 454 -36.14 -13.16 15.18
CA PRO B 454 -37.17 -14.20 15.11
C PRO B 454 -37.78 -14.41 13.72
N LEU B 455 -38.08 -13.31 13.02
CA LEU B 455 -38.68 -13.38 11.69
C LEU B 455 -37.78 -14.13 10.72
N LEU B 456 -36.55 -14.39 11.13
CA LEU B 456 -35.58 -15.09 10.28
C LEU B 456 -36.07 -16.46 9.83
N GLU B 457 -36.97 -17.05 10.61
CA GLU B 457 -37.49 -18.38 10.30
C GLU B 457 -38.85 -18.40 9.61
N LYS B 458 -39.81 -17.68 10.19
CA LYS B 458 -41.18 -17.63 9.66
C LYS B 458 -41.41 -16.69 8.47
N ASP B 459 -40.72 -15.56 8.45
CA ASP B 459 -40.88 -14.59 7.36
C ASP B 459 -39.56 -13.86 7.11
N PRO B 460 -38.56 -14.56 6.56
CA PRO B 460 -37.25 -13.96 6.26
C PRO B 460 -37.35 -12.91 5.17
N GLY B 461 -38.58 -12.65 4.72
CA GLY B 461 -38.80 -11.67 3.68
C GLY B 461 -38.50 -10.26 4.12
N ARG B 462 -39.04 -9.86 5.27
CA ARG B 462 -38.83 -8.52 5.79
C ARG B 462 -37.88 -8.43 6.98
N VAL B 463 -36.78 -9.18 6.93
CA VAL B 463 -35.77 -9.13 7.97
C VAL B 463 -34.69 -8.22 7.43
N ARG B 464 -34.43 -7.12 8.12
CA ARG B 464 -33.44 -6.16 7.67
C ARG B 464 -32.01 -6.52 8.11
N ALA B 465 -31.03 -5.98 7.39
CA ALA B 465 -29.63 -6.24 7.71
C ALA B 465 -29.02 -4.99 8.33
N LEU B 466 -27.93 -5.15 9.06
CA LEU B 466 -27.27 -4.00 9.64
C LEU B 466 -26.20 -3.61 8.62
N ALA B 467 -26.65 -3.23 7.42
CA ALA B 467 -25.72 -2.82 6.35
C ALA B 467 -26.02 -1.36 5.97
N TYR B 468 -25.02 -0.70 5.40
CA TYR B 468 -25.15 0.71 5.00
C TYR B 468 -24.31 1.01 3.76
N ASP B 469 -24.81 1.92 2.93
CA ASP B 469 -24.11 2.34 1.72
C ASP B 469 -23.89 3.83 1.85
N LEU B 470 -22.75 4.28 1.36
CA LEU B 470 -22.36 5.68 1.37
C LEU B 470 -22.43 6.09 -0.09
N VAL B 471 -23.25 7.10 -0.38
CA VAL B 471 -23.42 7.56 -1.74
C VAL B 471 -23.08 9.05 -1.85
N LEU B 472 -22.52 9.41 -3.00
CA LEU B 472 -22.14 10.78 -3.30
C LEU B 472 -22.65 11.14 -4.69
N ASN B 473 -23.55 12.13 -4.77
CA ASN B 473 -24.06 12.57 -6.06
C ASN B 473 -24.62 11.45 -6.96
N GLY B 474 -25.37 10.53 -6.36
CA GLY B 474 -25.96 9.46 -7.15
C GLY B 474 -25.02 8.30 -7.47
N VAL B 475 -23.87 8.26 -6.80
CA VAL B 475 -22.88 7.19 -7.04
C VAL B 475 -22.48 6.50 -5.72
N GLU B 476 -22.40 5.17 -5.74
CA GLU B 476 -22.01 4.43 -4.55
C GLU B 476 -20.49 4.52 -4.35
N VAL B 477 -20.04 5.18 -3.28
CA VAL B 477 -18.60 5.28 -3.03
C VAL B 477 -18.12 4.36 -1.91
N GLY B 478 -19.05 3.74 -1.21
CA GLY B 478 -18.64 2.87 -0.12
C GLY B 478 -19.78 2.06 0.46
N GLY B 479 -19.42 1.03 1.22
CA GLY B 479 -20.44 0.21 1.83
C GLY B 479 -19.86 -0.72 2.87
N GLY B 480 -20.67 -1.07 3.86
CA GLY B 480 -20.19 -1.97 4.89
C GLY B 480 -21.33 -2.48 5.74
N SER B 481 -20.99 -3.11 6.85
CA SER B 481 -21.99 -3.64 7.77
C SER B 481 -21.38 -4.17 9.06
N ILE B 482 -22.27 -4.41 10.02
CA ILE B 482 -21.91 -5.00 11.31
C ILE B 482 -21.87 -6.49 10.91
N ARG B 483 -20.84 -7.19 11.41
CA ARG B 483 -20.63 -8.60 11.09
C ARG B 483 -21.26 -9.50 12.15
N ILE B 484 -21.40 -10.78 11.81
CA ILE B 484 -21.93 -11.77 12.73
C ILE B 484 -20.73 -12.32 13.53
N HIS B 485 -20.77 -12.18 14.85
CA HIS B 485 -19.66 -12.71 15.65
C HIS B 485 -20.02 -14.00 16.40
N ASP B 486 -21.28 -14.42 16.32
CA ASP B 486 -21.73 -15.64 17.00
C ASP B 486 -21.73 -16.80 16.02
N PRO B 487 -20.87 -17.82 16.27
CA PRO B 487 -20.73 -19.00 15.41
C PRO B 487 -22.05 -19.73 15.20
N ARG B 488 -22.92 -19.69 16.20
CA ARG B 488 -24.21 -20.36 16.10
C ARG B 488 -25.17 -19.59 15.20
N LEU B 489 -25.19 -18.26 15.36
CA LEU B 489 -26.06 -17.42 14.54
C LEU B 489 -25.64 -17.55 13.08
N GLN B 490 -24.34 -17.55 12.86
CA GLN B 490 -23.80 -17.69 11.50
C GLN B 490 -24.42 -18.93 10.88
N ALA B 491 -24.43 -20.03 11.63
CA ALA B 491 -25.01 -21.29 11.17
C ALA B 491 -26.49 -21.11 10.86
N ARG B 492 -27.23 -20.61 11.85
CA ARG B 492 -28.66 -20.38 11.69
C ARG B 492 -28.90 -19.66 10.36
N VAL B 493 -28.02 -18.72 10.04
CA VAL B 493 -28.12 -17.96 8.80
C VAL B 493 -27.83 -18.90 7.63
N PHE B 494 -26.73 -19.63 7.73
CA PHE B 494 -26.37 -20.58 6.69
C PHE B 494 -27.49 -21.59 6.45
N ARG B 495 -28.36 -21.75 7.45
CA ARG B 495 -29.50 -22.67 7.34
C ARG B 495 -30.45 -22.10 6.29
N LEU B 496 -30.69 -20.80 6.34
CA LEU B 496 -31.57 -20.14 5.39
C LEU B 496 -30.97 -20.09 3.99
N LEU B 497 -29.72 -19.65 3.91
CA LEU B 497 -29.04 -19.55 2.61
C LEU B 497 -28.94 -20.90 1.92
N GLY B 498 -29.12 -21.97 2.68
CA GLY B 498 -29.05 -23.30 2.11
C GLY B 498 -27.65 -23.82 1.81
N ILE B 499 -26.65 -23.28 2.48
CA ILE B 499 -25.27 -23.72 2.27
C ILE B 499 -24.95 -24.90 3.18
N GLY B 500 -24.57 -26.01 2.57
CA GLY B 500 -24.26 -27.22 3.34
C GLY B 500 -23.14 -27.06 4.35
N GLU B 501 -23.21 -27.86 5.40
CA GLU B 501 -22.21 -27.82 6.47
C GLU B 501 -20.89 -28.45 6.02
N GLU B 502 -20.85 -28.85 4.75
CA GLU B 502 -19.65 -29.47 4.19
C GLU B 502 -19.03 -28.45 3.23
N GLU B 503 -19.89 -27.59 2.69
CA GLU B 503 -19.46 -26.55 1.76
C GLU B 503 -18.90 -25.38 2.57
N GLN B 504 -19.44 -25.16 3.76
CA GLN B 504 -18.98 -24.09 4.62
C GLN B 504 -17.59 -24.44 5.11
N ARG B 505 -17.38 -25.72 5.42
CA ARG B 505 -16.10 -26.21 5.90
C ARG B 505 -15.06 -26.21 4.78
N GLU B 506 -15.49 -25.81 3.59
CA GLU B 506 -14.58 -25.77 2.44
C GLU B 506 -14.28 -24.36 2.00
N LYS B 507 -15.27 -23.48 2.08
CA LYS B 507 -15.09 -22.10 1.64
C LYS B 507 -14.86 -21.10 2.77
N PHE B 508 -15.15 -21.51 4.01
CA PHE B 508 -14.98 -20.63 5.16
C PHE B 508 -14.53 -21.38 6.41
N GLY B 509 -14.18 -22.65 6.25
CA GLY B 509 -13.76 -23.46 7.37
C GLY B 509 -12.81 -22.84 8.37
N PHE B 510 -11.68 -22.32 7.90
CA PHE B 510 -10.72 -21.72 8.81
C PHE B 510 -11.28 -20.50 9.56
N PHE B 511 -12.19 -19.76 8.93
CA PHE B 511 -12.75 -18.59 9.58
C PHE B 511 -13.82 -18.93 10.60
N LEU B 512 -14.67 -19.91 10.28
CA LEU B 512 -15.69 -20.33 11.20
C LEU B 512 -15.04 -20.81 12.50
N GLU B 513 -13.90 -21.46 12.40
CA GLU B 513 -13.22 -21.95 13.57
C GLU B 513 -12.72 -20.79 14.43
N ALA B 514 -12.30 -19.72 13.77
CA ALA B 514 -11.80 -18.54 14.48
C ALA B 514 -12.87 -17.94 15.36
N LEU B 515 -14.12 -18.00 14.89
CA LEU B 515 -15.22 -17.43 15.65
C LEU B 515 -15.46 -18.14 16.97
N GLU B 516 -14.97 -19.39 17.08
CA GLU B 516 -15.17 -20.18 18.30
C GLU B 516 -14.21 -19.86 19.43
N TYR B 517 -13.23 -19.00 19.15
CA TYR B 517 -12.26 -18.62 20.16
C TYR B 517 -12.54 -17.27 20.80
N GLY B 518 -13.78 -16.78 20.70
CA GLY B 518 -14.10 -15.51 21.32
C GLY B 518 -13.98 -14.30 20.40
N ALA B 519 -14.95 -14.13 19.52
CA ALA B 519 -14.95 -13.01 18.59
C ALA B 519 -15.79 -11.89 19.18
N PRO B 520 -15.26 -10.65 19.19
CA PRO B 520 -16.03 -9.53 19.74
C PRO B 520 -16.99 -9.01 18.68
N PRO B 521 -17.97 -8.21 19.09
CA PRO B 521 -18.91 -7.65 18.10
C PRO B 521 -18.00 -6.74 17.28
N HIS B 522 -18.21 -6.67 15.96
CA HIS B 522 -17.39 -5.83 15.13
C HIS B 522 -18.09 -5.50 13.83
N GLY B 523 -17.58 -4.49 13.12
CA GLY B 523 -18.17 -4.08 11.86
C GLY B 523 -17.27 -3.06 11.16
N GLY B 524 -17.54 -2.78 9.90
CA GLY B 524 -16.68 -1.83 9.22
C GLY B 524 -17.22 -1.35 7.89
N ILE B 525 -16.31 -0.92 7.02
CA ILE B 525 -16.73 -0.38 5.74
C ILE B 525 -15.53 -0.33 4.80
N ALA B 526 -15.79 -0.20 3.51
CA ALA B 526 -14.74 -0.03 2.52
C ALA B 526 -15.22 1.02 1.52
N TRP B 527 -14.32 1.92 1.13
CA TRP B 527 -14.61 2.98 0.17
C TRP B 527 -13.90 2.67 -1.14
N GLY B 528 -14.54 2.98 -2.27
CA GLY B 528 -13.89 2.80 -3.56
C GLY B 528 -13.09 4.08 -3.72
N LEU B 529 -11.81 4.05 -3.37
CA LEU B 529 -10.99 5.26 -3.42
C LEU B 529 -10.81 5.87 -4.82
N ASP B 530 -10.63 5.04 -5.83
CA ASP B 530 -10.47 5.52 -7.20
C ASP B 530 -11.74 6.28 -7.60
N ARG B 531 -12.91 5.71 -7.32
CA ARG B 531 -14.17 6.37 -7.68
C ARG B 531 -14.36 7.70 -6.94
N LEU B 532 -14.05 7.73 -5.65
CA LEU B 532 -14.19 8.95 -4.86
C LEU B 532 -13.31 10.05 -5.45
N LEU B 533 -12.08 9.69 -5.80
CA LEU B 533 -11.14 10.65 -6.38
C LEU B 533 -11.60 11.17 -7.74
N ALA B 534 -12.24 10.31 -8.53
CA ALA B 534 -12.74 10.72 -9.82
C ALA B 534 -13.84 11.76 -9.64
N LEU B 535 -14.72 11.56 -8.65
CA LEU B 535 -15.81 12.51 -8.38
C LEU B 535 -15.30 13.83 -7.80
N MET B 536 -14.30 13.75 -6.93
CA MET B 536 -13.72 14.96 -6.31
C MET B 536 -13.05 15.84 -7.36
N THR B 537 -12.55 15.22 -8.42
CA THR B 537 -11.83 15.88 -9.50
C THR B 537 -12.67 16.18 -10.74
N GLY B 538 -13.90 15.66 -10.72
CA GLY B 538 -14.77 15.87 -11.86
C GLY B 538 -14.24 15.13 -13.09
N SER B 539 -13.51 14.04 -12.87
CA SER B 539 -12.97 13.26 -13.98
C SER B 539 -14.05 12.36 -14.59
N PRO B 540 -13.97 12.12 -15.91
CA PRO B 540 -14.93 11.27 -16.62
C PRO B 540 -14.71 9.78 -16.40
N SER B 541 -13.53 9.43 -15.88
CA SER B 541 -13.16 8.03 -15.71
C SER B 541 -12.13 7.90 -14.59
N ILE B 542 -12.06 6.74 -13.95
CA ILE B 542 -11.06 6.56 -12.89
C ILE B 542 -9.64 6.44 -13.48
N ARG B 543 -9.55 6.38 -14.80
CA ARG B 543 -8.21 6.28 -15.40
C ARG B 543 -7.46 7.61 -15.26
N GLU B 544 -8.21 8.70 -15.02
CA GLU B 544 -7.61 10.03 -14.85
C GLU B 544 -6.96 10.23 -13.48
N VAL B 545 -7.25 9.35 -12.52
CA VAL B 545 -6.68 9.49 -11.18
C VAL B 545 -5.79 8.30 -10.76
N ILE B 546 -5.35 7.52 -11.75
CA ILE B 546 -4.48 6.35 -11.51
C ILE B 546 -3.27 6.60 -12.42
N ALA B 547 -2.06 6.55 -11.87
CA ALA B 547 -0.86 6.85 -12.68
C ALA B 547 -0.70 6.02 -13.95
N PHE B 548 -0.74 4.70 -13.82
CA PHE B 548 -0.57 3.82 -14.98
C PHE B 548 -1.70 2.80 -15.06
N PRO B 549 -2.86 3.20 -15.61
CA PRO B 549 -4.00 2.28 -15.72
C PRO B 549 -3.99 1.37 -16.97
N LYS B 550 -4.93 0.43 -17.06
CA LYS B 550 -5.04 -0.47 -18.22
C LYS B 550 -6.13 0.10 -19.12
N ASN B 551 -6.16 -0.30 -20.39
CA ASN B 551 -7.24 0.18 -21.27
C ASN B 551 -8.50 -0.68 -21.05
N LYS B 552 -9.48 -0.53 -21.93
CA LYS B 552 -10.75 -1.25 -21.79
C LYS B 552 -10.67 -2.75 -21.94
N GLU B 553 -9.64 -3.25 -22.63
CA GLU B 553 -9.50 -4.69 -22.81
C GLU B 553 -8.65 -5.25 -21.67
N GLY B 554 -8.29 -4.41 -20.70
CA GLY B 554 -7.46 -4.90 -19.61
C GLY B 554 -6.01 -5.02 -20.04
N LYS B 555 -5.65 -4.38 -21.15
CA LYS B 555 -4.27 -4.44 -21.63
C LYS B 555 -3.50 -3.16 -21.32
N ASP B 556 -2.19 -3.24 -21.40
CA ASP B 556 -1.32 -2.11 -21.12
C ASP B 556 -0.49 -1.73 -22.33
N PRO B 557 -0.92 -0.70 -23.07
CA PRO B 557 -0.22 -0.20 -24.27
C PRO B 557 1.20 0.28 -23.97
N LEU B 558 1.44 0.81 -22.78
CA LEU B 558 2.77 1.30 -22.44
C LEU B 558 3.80 0.18 -22.40
N THR B 559 3.50 -0.87 -21.64
CA THR B 559 4.42 -1.98 -21.51
C THR B 559 4.13 -3.13 -22.48
N GLY B 560 2.89 -3.21 -22.95
CA GLY B 560 2.53 -4.28 -23.84
C GLY B 560 2.31 -5.53 -22.95
N ALA B 561 1.83 -5.33 -21.72
CA ALA B 561 1.60 -6.40 -20.79
C ALA B 561 0.15 -6.76 -20.65
N PRO B 562 -0.19 -8.01 -20.95
CA PRO B 562 -0.57 -9.37 -21.27
C PRO B 562 0.33 -9.79 -22.45
N SER B 563 1.39 -10.53 -22.14
CA SER B 563 2.34 -11.01 -23.16
C SER B 563 2.59 -12.51 -23.03
N PRO B 564 3.04 -13.15 -24.12
CA PRO B 564 3.32 -14.59 -24.15
C PRO B 564 4.62 -14.89 -23.41
N VAL B 565 4.72 -16.10 -22.85
CA VAL B 565 5.92 -16.51 -22.13
C VAL B 565 6.51 -17.75 -22.81
N PRO B 566 7.83 -17.94 -22.71
CA PRO B 566 8.49 -19.09 -23.33
C PRO B 566 7.84 -20.41 -22.94
N GLU B 567 7.67 -21.29 -23.93
CA GLU B 567 7.04 -22.58 -23.72
C GLU B 567 7.70 -23.37 -22.59
N GLU B 568 9.00 -23.15 -22.39
CA GLU B 568 9.68 -23.88 -21.33
C GLU B 568 9.44 -23.26 -19.97
N GLN B 569 9.10 -21.97 -19.94
CA GLN B 569 8.85 -21.34 -18.66
C GLN B 569 7.55 -21.90 -18.11
N LEU B 570 6.58 -22.15 -19.00
CA LEU B 570 5.30 -22.72 -18.58
C LEU B 570 5.47 -24.17 -18.16
N ARG B 571 6.27 -24.89 -18.93
CA ARG B 571 6.55 -26.30 -18.64
C ARG B 571 7.15 -26.42 -17.25
N GLU B 572 7.95 -25.42 -16.87
CA GLU B 572 8.57 -25.39 -15.55
C GLU B 572 7.48 -25.35 -14.49
N LEU B 573 6.38 -24.67 -14.82
CA LEU B 573 5.25 -24.55 -13.91
C LEU B 573 4.33 -25.75 -14.06
N GLY B 574 4.62 -26.62 -15.03
CA GLY B 574 3.79 -27.79 -15.24
C GLY B 574 2.44 -27.45 -15.84
N LEU B 575 2.45 -26.50 -16.77
CA LEU B 575 1.23 -26.06 -17.44
C LEU B 575 1.42 -26.00 -18.97
N MET B 576 0.33 -26.18 -19.70
CA MET B 576 0.36 -26.07 -21.16
C MET B 576 -0.90 -25.32 -21.61
N VAL B 577 -0.78 -24.56 -22.70
CA VAL B 577 -1.89 -23.78 -23.22
C VAL B 577 -2.87 -24.61 -24.05
N VAL B 578 -4.16 -24.29 -23.94
CA VAL B 578 -5.22 -24.97 -24.66
C VAL B 578 -6.15 -24.02 -25.45
N ARG B 579 -7.29 -23.62 -24.87
CA ARG B 579 -8.24 -22.74 -25.59
C ARG B 579 -9.24 -21.94 -24.73
N PRO B 580 -9.32 -20.59 -24.85
CA PRO B 580 -10.34 -19.92 -24.01
C PRO B 580 -10.33 -18.39 -23.90
#